data_6YZY
#
_entry.id   6YZY
#
_cell.length_a   51.350
_cell.length_b   103.960
_cell.length_c   161.670
_cell.angle_alpha   90.000
_cell.angle_beta   90.000
_cell.angle_gamma   90.000
#
_symmetry.space_group_name_H-M   'P 21 21 21'
#
loop_
_entity.id
_entity.type
_entity.pdbx_description
1 polymer 'Copper oxidase'
2 non-polymer 'SULFATE ION'
3 non-polymer 'COPPER (II) ION'
4 water water
#
_entity_poly.entity_id   1
_entity_poly.type   'polypeptide(L)'
_entity_poly.pdbx_seq_one_letter_code
;MHHHHHHGFNRRVLLGGAAVATSLSLAPEARSDAGPAQAAPGGEVRRIKLYAERLADGQMGYGLEKGRATIPGPLIELNE
GDTLHIEFENTMDVRASLHVHGLDYEVSSDGTTLNKSDVEPGGTRTYTWRTHAPGRRSDGTWRAGSAGYWHYHDHVVGTE
HGTGGIRKGLYGPVIVRRKGDVLPDATHTIVFNDMLINNRPAHSGPNFEATVGDRVEFVMITHGEYYHTFHMHGHRWADN
RTGMLTGPDDPSQVVDNKIVGPADSFGFQVIAGEGVGAGAWMYHCHVQSHSDMGVVGLFLVKKTDGTIPGYEPHEHSGQR
AEHHH
;
_entity_poly.pdbx_strand_id   AAA,BBB,CCC
#
loop_
_chem_comp.id
_chem_comp.type
_chem_comp.name
_chem_comp.formula
CU non-polymer 'COPPER (II) ION' 'Cu 2'
SO4 non-polymer 'SULFATE ION' 'O4 S -2'
#
# COMPACT_ATOMS: atom_id res chain seq x y z
N GLY A 43 -6.01 -3.97 32.82
CA GLY A 43 -5.55 -2.63 32.37
C GLY A 43 -4.81 -1.88 33.46
N GLU A 44 -3.49 -2.06 33.54
CA GLU A 44 -2.60 -1.55 34.63
C GLU A 44 -1.98 -0.21 34.18
N VAL A 45 -1.77 0.72 35.14
CA VAL A 45 -1.03 2.00 34.96
C VAL A 45 0.47 1.74 35.18
N ARG A 46 1.31 2.37 34.36
CA ARG A 46 2.79 2.17 34.33
C ARG A 46 3.47 3.54 34.20
N ARG A 47 4.72 3.61 34.67
CA ARG A 47 5.60 4.80 34.61
C ARG A 47 6.98 4.33 34.14
N ILE A 48 7.55 5.03 33.15
CA ILE A 48 8.96 4.83 32.69
C ILE A 48 9.57 6.20 32.42
N LYS A 49 10.90 6.27 32.50
CA LYS A 49 11.70 7.48 32.24
C LYS A 49 12.30 7.38 30.84
N LEU A 50 12.23 8.47 30.08
CA LEU A 50 12.76 8.56 28.70
C LEU A 50 13.52 9.88 28.55
N TYR A 51 14.75 9.80 28.06
CA TYR A 51 15.65 10.97 27.85
C TYR A 51 16.01 11.09 26.37
N ALA A 52 15.87 12.30 25.83
CA ALA A 52 16.43 12.75 24.52
C ALA A 52 17.86 13.26 24.75
N GLU A 53 18.83 12.63 24.07
CA GLU A 53 20.28 12.89 24.14
C GLU A 53 20.86 13.06 22.74
N ARG A 54 21.70 14.07 22.54
CA ARG A 54 22.64 14.14 21.38
C ARG A 54 23.73 13.07 21.57
N LEU A 55 24.07 12.32 20.52
CA LEU A 55 25.06 11.22 20.59
C LEU A 55 26.33 11.60 19.80
N ALA A 56 27.28 10.67 19.68
CA ALA A 56 28.48 10.76 18.81
C ALA A 56 28.07 10.79 17.33
N ASP A 57 28.76 11.63 16.56
CA ASP A 57 28.60 11.83 15.08
C ASP A 57 27.37 12.71 14.84
N GLY A 58 26.99 13.53 15.81
CA GLY A 58 25.96 14.58 15.68
C GLY A 58 24.54 14.04 15.58
N GLN A 59 24.29 12.84 16.11
CA GLN A 59 22.99 12.13 16.03
C GLN A 59 22.19 12.36 17.32
N MET A 60 20.90 12.03 17.29
CA MET A 60 19.94 12.22 18.41
C MET A 60 19.17 10.91 18.63
N GLY A 61 18.86 10.60 19.89
CA GLY A 61 18.28 9.30 20.27
C GLY A 61 17.54 9.38 21.59
N TYR A 62 16.52 8.53 21.74
CA TYR A 62 15.79 8.30 23.01
C TYR A 62 16.44 7.12 23.75
N GLY A 63 16.56 7.23 25.07
CA GLY A 63 17.03 6.15 25.95
C GLY A 63 16.18 6.03 27.21
N LEU A 64 16.26 4.88 27.88
CA LEU A 64 15.56 4.62 29.16
C LEU A 64 16.36 5.17 30.35
N GLU A 65 17.69 5.29 30.20
CA GLU A 65 18.62 5.91 31.19
C GLU A 65 19.37 7.08 30.52
N LYS A 66 20.04 7.92 31.32
CA LYS A 66 21.00 8.93 30.82
C LYS A 66 22.21 8.20 30.21
N GLY A 67 22.56 8.56 28.97
CA GLY A 67 23.76 8.11 28.24
C GLY A 67 23.62 6.69 27.73
N ARG A 68 22.38 6.21 27.61
CA ARG A 68 22.08 4.83 27.16
C ARG A 68 21.13 4.88 25.96
N ALA A 69 20.87 6.07 25.42
CA ALA A 69 19.99 6.30 24.24
C ALA A 69 20.47 5.45 23.06
N THR A 70 19.51 4.91 22.32
CA THR A 70 19.71 4.06 21.11
C THR A 70 18.90 4.65 19.94
N ILE A 71 19.24 4.24 18.70
CA ILE A 71 18.47 4.49 17.45
C ILE A 71 18.32 3.13 16.75
N PRO A 72 17.09 2.59 16.59
CA PRO A 72 15.88 3.22 17.11
C PRO A 72 15.86 3.30 18.64
N GLY A 73 14.92 4.07 19.17
CA GLY A 73 14.67 4.18 20.62
C GLY A 73 14.25 2.85 21.23
N PRO A 74 14.13 2.80 22.57
CA PRO A 74 13.83 1.54 23.25
C PRO A 74 12.40 1.14 22.90
N LEU A 75 12.16 -0.17 22.80
CA LEU A 75 10.83 -0.72 22.45
C LEU A 75 9.88 -0.47 23.63
N ILE A 76 8.68 0.04 23.36
CA ILE A 76 7.60 0.18 24.38
C ILE A 76 6.46 -0.79 24.05
N GLU A 77 6.17 -1.71 24.97
CA GLU A 77 5.21 -2.83 24.77
C GLU A 77 4.07 -2.66 25.79
N LEU A 78 2.83 -2.58 25.31
CA LEU A 78 1.63 -2.36 26.17
C LEU A 78 0.53 -3.37 25.81
N ASN A 79 -0.22 -3.82 26.81
CA ASN A 79 -1.51 -4.55 26.69
C ASN A 79 -2.63 -3.51 26.59
N GLU A 80 -3.70 -3.80 25.84
CA GLU A 80 -4.83 -2.86 25.60
C GLU A 80 -5.47 -2.55 26.95
N GLY A 81 -5.78 -1.27 27.20
CA GLY A 81 -6.31 -0.80 28.50
C GLY A 81 -5.22 -0.13 29.30
N ASP A 82 -4.02 -0.71 29.30
CA ASP A 82 -2.82 -0.14 29.96
C ASP A 82 -2.74 1.37 29.67
N THR A 83 -2.25 2.14 30.63
CA THR A 83 -1.87 3.57 30.49
C THR A 83 -0.36 3.65 30.73
N LEU A 84 0.38 4.42 29.94
CA LEU A 84 1.82 4.67 30.18
C LEU A 84 2.02 6.16 30.43
N HIS A 85 2.59 6.51 31.59
CA HIS A 85 3.08 7.87 31.91
C HIS A 85 4.59 7.89 31.61
N ILE A 86 5.01 8.78 30.69
CA ILE A 86 6.42 8.88 30.24
C ILE A 86 7.05 10.14 30.86
N GLU A 87 7.85 9.94 31.91
CA GLU A 87 8.71 11.00 32.51
C GLU A 87 9.83 11.32 31.53
N PHE A 88 9.65 12.36 30.71
CA PHE A 88 10.55 12.68 29.56
C PHE A 88 11.38 13.92 29.87
N GLU A 89 12.70 13.83 29.63
CA GLU A 89 13.64 14.94 29.86
C GLU A 89 14.40 15.19 28.55
N ASN A 90 14.38 16.44 28.07
CA ASN A 90 15.18 16.93 26.91
C ASN A 90 16.53 17.43 27.42
N THR A 91 17.55 16.56 27.39
CA THR A 91 18.92 16.83 27.89
C THR A 91 19.73 17.59 26.83
N MET A 92 19.14 17.84 25.65
CA MET A 92 19.77 18.50 24.48
C MET A 92 19.65 20.02 24.61
N ASP A 93 20.39 20.75 23.76
CA ASP A 93 20.50 22.24 23.75
C ASP A 93 19.43 22.85 22.83
N VAL A 94 18.60 22.00 22.20
CA VAL A 94 17.48 22.42 21.31
C VAL A 94 16.18 21.83 21.85
N ARG A 95 15.06 22.53 21.60
CA ARG A 95 13.67 22.01 21.82
C ARG A 95 13.57 20.63 21.18
N ALA A 96 12.81 19.74 21.81
CA ALA A 96 12.50 18.36 21.38
C ALA A 96 11.11 17.99 21.90
N SER A 97 10.54 16.88 21.44
CA SER A 97 9.21 16.40 21.91
C SER A 97 9.07 14.89 21.71
N LEU A 98 7.92 14.35 22.12
CA LEU A 98 7.53 12.93 21.96
C LEU A 98 6.06 12.92 21.49
N HIS A 99 5.86 12.70 20.18
CA HIS A 99 4.55 12.38 19.53
C HIS A 99 4.53 10.86 19.32
N VAL A 100 3.34 10.27 19.44
CA VAL A 100 3.08 8.83 19.21
C VAL A 100 2.01 8.71 18.12
N HIS A 101 2.10 7.64 17.31
CA HIS A 101 1.06 7.20 16.35
C HIS A 101 0.20 6.12 17.03
N GLY A 102 -1.10 6.08 16.74
CA GLY A 102 -2.00 4.94 17.02
C GLY A 102 -2.66 5.00 18.39
N LEU A 103 -1.91 5.27 19.44
CA LEU A 103 -2.35 5.20 20.85
C LEU A 103 -3.18 6.45 21.18
N ASP A 104 -3.96 6.41 22.26
CA ASP A 104 -4.87 7.50 22.70
C ASP A 104 -4.07 8.49 23.56
N TYR A 105 -4.12 9.77 23.21
CA TYR A 105 -3.48 10.88 23.97
C TYR A 105 -4.36 12.12 23.86
N GLU A 106 -4.32 12.99 24.87
CA GLU A 106 -4.97 14.32 24.81
C GLU A 106 -4.00 15.29 24.12
N VAL A 107 -4.54 16.43 23.69
CA VAL A 107 -3.81 17.59 23.09
C VAL A 107 -2.51 17.89 23.88
N SER A 108 -2.55 17.82 25.21
CA SER A 108 -1.44 18.13 26.16
C SER A 108 -0.32 17.09 26.08
N SER A 109 -0.49 16.03 25.29
CA SER A 109 0.54 15.01 24.96
C SER A 109 0.73 14.88 23.43
N ASP A 110 0.33 15.89 22.63
CA ASP A 110 0.50 15.90 21.14
C ASP A 110 2.00 15.93 20.78
N GLY A 111 2.81 16.64 21.58
CA GLY A 111 4.25 16.85 21.31
C GLY A 111 4.48 17.93 20.26
N THR A 112 3.51 18.82 20.05
CA THR A 112 3.50 19.82 18.95
C THR A 112 3.67 21.23 19.52
N THR A 113 4.29 22.11 18.73
CA THR A 113 4.28 23.60 18.91
C THR A 113 2.83 24.06 19.10
N LEU A 114 1.93 23.53 18.26
CA LEU A 114 0.50 23.90 18.17
C LEU A 114 -0.17 23.80 19.55
N ASN A 115 -0.06 22.62 20.18
CA ASN A 115 -0.68 22.26 21.49
C ASN A 115 0.34 22.44 22.63
N LYS A 116 1.29 23.35 22.48
CA LYS A 116 2.29 23.77 23.51
C LYS A 116 2.72 22.57 24.36
N SER A 117 3.04 21.44 23.72
CA SER A 117 3.31 20.13 24.37
C SER A 117 4.69 19.59 23.97
N ASP A 118 5.59 20.49 23.54
CA ASP A 118 7.04 20.21 23.34
C ASP A 118 7.81 20.66 24.58
N VAL A 119 9.14 20.49 24.58
CA VAL A 119 10.00 20.63 25.80
C VAL A 119 11.19 21.55 25.49
N GLU A 120 11.31 22.65 26.26
CA GLU A 120 12.47 23.57 26.31
C GLU A 120 13.77 22.76 26.49
N PRO A 121 14.94 23.30 26.09
CA PRO A 121 16.21 22.59 26.33
C PRO A 121 16.38 22.35 27.83
N GLY A 122 16.74 21.13 28.22
CA GLY A 122 17.01 20.75 29.63
C GLY A 122 15.73 20.47 30.40
N GLY A 123 14.61 21.05 29.98
CA GLY A 123 13.30 20.95 30.66
C GLY A 123 12.75 19.53 30.69
N THR A 124 11.76 19.28 31.55
CA THR A 124 11.00 18.01 31.62
C THR A 124 9.52 18.26 31.28
N ARG A 125 8.83 17.18 30.93
CA ARG A 125 7.36 17.08 30.75
C ARG A 125 6.96 15.61 30.92
N THR A 126 5.81 15.36 31.54
CA THR A 126 5.30 13.99 31.72
C THR A 126 4.20 13.78 30.66
N TYR A 127 4.45 12.87 29.71
CA TYR A 127 3.53 12.55 28.60
C TYR A 127 2.68 11.34 29.02
N THR A 128 1.40 11.35 28.64
CA THR A 128 0.41 10.27 28.91
C THR A 128 -0.10 9.68 27.59
N TRP A 129 0.10 8.35 27.40
CA TRP A 129 -0.55 7.50 26.36
C TRP A 129 -1.51 6.51 27.01
N ARG A 130 -2.82 6.65 26.77
CA ARG A 130 -3.83 5.60 27.08
C ARG A 130 -3.97 4.65 25.88
N THR A 131 -4.54 3.48 26.12
CA THR A 131 -4.98 2.50 25.08
C THR A 131 -6.39 2.05 25.42
N HIS A 132 -7.03 1.30 24.53
CA HIS A 132 -8.38 0.72 24.74
C HIS A 132 -8.50 -0.63 24.02
N ALA A 133 -9.29 -1.54 24.58
CA ALA A 133 -9.69 -2.81 23.95
C ALA A 133 -10.82 -2.52 22.96
N PRO A 134 -11.11 -3.44 22.02
CA PRO A 134 -12.25 -3.28 21.13
C PRO A 134 -13.54 -3.55 21.92
N GLY A 135 -14.59 -2.75 21.69
CA GLY A 135 -15.93 -2.94 22.30
C GLY A 135 -17.05 -2.57 21.34
N ARG A 136 -18.30 -2.83 21.75
CA ARG A 136 -19.53 -2.33 21.07
C ARG A 136 -19.81 -0.91 21.57
N ARG A 137 -19.97 0.05 20.65
CA ARG A 137 -20.51 1.38 21.01
C ARG A 137 -22.02 1.24 21.23
N SER A 138 -22.63 2.20 21.93
CA SER A 138 -24.10 2.35 22.07
C SER A 138 -24.81 2.32 20.70
N ASP A 139 -24.20 2.89 19.65
CA ASP A 139 -24.84 3.03 18.32
C ASP A 139 -24.76 1.70 17.53
N GLY A 140 -24.31 0.61 18.16
CA GLY A 140 -24.28 -0.75 17.57
C GLY A 140 -23.02 -1.05 16.76
N THR A 141 -22.18 -0.05 16.46
CA THR A 141 -20.92 -0.19 15.68
C THR A 141 -19.81 -0.78 16.56
N TRP A 142 -18.69 -1.17 15.92
CA TRP A 142 -17.54 -1.84 16.58
C TRP A 142 -16.37 -0.86 16.67
N ARG A 143 -16.08 -0.39 17.89
CA ARG A 143 -14.84 0.36 18.22
C ARG A 143 -13.64 -0.58 18.02
N ALA A 144 -12.58 -0.08 17.38
CA ALA A 144 -11.54 -0.86 16.67
C ALA A 144 -10.55 -1.54 17.62
N GLY A 145 -10.08 -0.80 18.63
CA GLY A 145 -9.05 -1.23 19.58
C GLY A 145 -7.69 -0.65 19.24
N SER A 146 -6.89 -0.33 20.24
CA SER A 146 -5.57 0.33 20.06
C SER A 146 -4.51 -0.66 19.58
N ALA A 147 -4.73 -1.97 19.65
CA ALA A 147 -3.73 -3.01 19.29
C ALA A 147 -3.13 -2.73 17.91
N GLY A 148 -1.81 -2.88 17.76
CA GLY A 148 -1.12 -2.68 16.46
C GLY A 148 0.35 -2.32 16.62
N TYR A 149 1.09 -2.42 15.52
CA TYR A 149 2.52 -1.99 15.43
C TYR A 149 2.54 -0.49 15.19
N TRP A 150 3.12 0.26 16.13
CA TRP A 150 3.09 1.75 16.13
C TRP A 150 4.50 2.28 16.38
N HIS A 151 4.63 3.60 16.50
CA HIS A 151 5.94 4.28 16.71
C HIS A 151 5.73 5.65 17.36
N TYR A 152 6.80 6.16 17.95
CA TYR A 152 6.93 7.51 18.53
C TYR A 152 8.07 8.20 17.81
N HIS A 153 8.01 9.52 17.67
CA HIS A 153 9.03 10.32 16.94
C HIS A 153 8.91 11.78 17.36
N ASP A 154 10.01 12.52 17.27
CA ASP A 154 10.08 13.97 17.64
C ASP A 154 9.22 14.73 16.64
N HIS A 155 8.67 15.87 17.05
CA HIS A 155 7.79 16.71 16.19
C HIS A 155 8.24 18.19 16.17
N VAL A 156 9.39 18.56 16.73
CA VAL A 156 9.80 20.01 16.81
C VAL A 156 11.29 20.25 16.48
N VAL A 157 12.15 19.24 16.58
CA VAL A 157 13.64 19.43 16.53
C VAL A 157 13.99 20.15 15.22
N GLY A 158 13.82 19.51 14.06
CA GLY A 158 14.26 20.14 12.80
C GLY A 158 13.32 21.26 12.38
N THR A 159 12.04 20.94 12.28
CA THR A 159 10.96 21.86 11.85
C THR A 159 9.74 21.58 12.73
N GLU A 160 8.59 22.16 12.40
CA GLU A 160 7.34 21.98 13.16
C GLU A 160 6.82 20.56 13.00
N HIS A 161 7.47 19.73 12.17
CA HIS A 161 7.15 18.28 11.97
C HIS A 161 8.36 17.39 12.29
N GLY A 162 9.38 17.97 12.94
CA GLY A 162 10.57 17.26 13.48
C GLY A 162 11.39 16.57 12.40
N THR A 163 11.47 17.16 11.20
CA THR A 163 12.24 16.64 10.05
C THR A 163 13.68 16.36 10.51
N GLY A 164 14.20 17.25 11.37
CA GLY A 164 15.57 17.22 11.91
C GLY A 164 15.75 16.13 12.95
N GLY A 165 14.84 16.07 13.93
CA GLY A 165 14.84 15.04 14.99
C GLY A 165 14.77 13.66 14.38
N ILE A 166 13.81 13.43 13.48
CA ILE A 166 13.60 12.11 12.80
C ILE A 166 14.89 11.73 12.08
N ARG A 167 15.44 12.67 11.30
CA ARG A 167 16.65 12.50 10.45
C ARG A 167 17.81 12.04 11.34
N LYS A 168 17.91 12.63 12.53
CA LYS A 168 19.04 12.44 13.47
C LYS A 168 18.82 11.22 14.39
N GLY A 169 17.61 10.65 14.45
CA GLY A 169 17.35 9.35 15.11
C GLY A 169 16.35 9.39 16.25
N LEU A 170 15.47 10.41 16.28
CA LEU A 170 14.44 10.52 17.34
C LEU A 170 13.16 9.80 16.88
N TYR A 171 13.25 8.48 16.76
CA TYR A 171 12.13 7.52 16.50
C TYR A 171 12.36 6.21 17.26
N GLY A 172 11.27 5.55 17.66
CA GLY A 172 11.32 4.23 18.32
C GLY A 172 10.02 3.46 18.17
N PRO A 173 10.03 2.13 18.40
CA PRO A 173 8.85 1.30 18.22
C PRO A 173 7.93 1.16 19.46
N VAL A 174 6.62 1.15 19.24
CA VAL A 174 5.57 0.82 20.25
C VAL A 174 4.74 -0.37 19.75
N ILE A 175 4.69 -1.46 20.51
CA ILE A 175 3.72 -2.56 20.26
C ILE A 175 2.59 -2.50 21.30
N VAL A 176 1.35 -2.41 20.84
CA VAL A 176 0.15 -2.53 21.71
C VAL A 176 -0.41 -3.92 21.44
N ARG A 177 -0.57 -4.71 22.50
CA ARG A 177 -0.99 -6.13 22.42
C ARG A 177 -2.46 -6.23 22.78
N ARG A 178 -3.14 -7.21 22.16
CA ARG A 178 -4.53 -7.62 22.49
C ARG A 178 -4.47 -8.95 23.24
N LYS A 179 -5.33 -9.09 24.26
CA LYS A 179 -5.56 -10.36 24.99
C LYS A 179 -5.53 -11.51 23.97
N GLY A 180 -4.61 -12.47 24.16
CA GLY A 180 -4.54 -13.69 23.34
C GLY A 180 -3.50 -13.59 22.23
N ASP A 181 -2.99 -12.39 21.93
CA ASP A 181 -1.95 -12.24 20.88
C ASP A 181 -0.78 -13.17 21.24
N VAL A 182 -0.33 -13.99 20.30
CA VAL A 182 0.89 -14.82 20.43
C VAL A 182 2.09 -13.89 20.67
N LEU A 183 2.91 -14.23 21.67
CA LEU A 183 4.12 -13.46 22.09
C LEU A 183 5.36 -14.09 21.45
N PRO A 184 6.33 -13.26 21.03
CA PRO A 184 7.52 -13.76 20.34
C PRO A 184 8.66 -14.23 21.26
N ASP A 185 9.56 -15.05 20.73
CA ASP A 185 10.87 -15.37 21.35
C ASP A 185 11.76 -14.11 21.36
N ALA A 186 11.69 -13.26 20.33
CA ALA A 186 12.49 -12.02 20.23
C ALA A 186 11.81 -11.02 19.30
N THR A 187 12.22 -9.75 19.37
CA THR A 187 11.61 -8.60 18.65
C THR A 187 12.74 -7.71 18.11
N HIS A 188 12.78 -7.52 16.78
CA HIS A 188 13.85 -6.77 16.05
C HIS A 188 13.18 -5.63 15.28
N THR A 189 13.56 -4.40 15.58
CA THR A 189 13.04 -3.19 14.90
C THR A 189 13.97 -2.81 13.75
N ILE A 190 13.39 -2.58 12.57
CA ILE A 190 14.06 -2.14 11.31
C ILE A 190 13.37 -0.85 10.84
N VAL A 191 14.08 0.27 10.81
CA VAL A 191 13.55 1.59 10.33
C VAL A 191 14.30 2.01 9.06
N PHE A 192 13.57 2.14 7.96
CA PHE A 192 14.02 2.82 6.72
C PHE A 192 13.84 4.32 6.94
N ASN A 193 14.88 4.99 7.44
CA ASN A 193 14.90 6.46 7.61
C ASN A 193 15.67 7.06 6.42
N ASP A 194 15.02 7.86 5.57
CA ASP A 194 15.60 8.33 4.29
C ASP A 194 16.27 7.11 3.64
N MET A 195 17.61 7.11 3.46
CA MET A 195 18.31 6.05 2.69
C MET A 195 19.11 5.13 3.62
N LEU A 196 18.99 5.28 4.94
CA LEU A 196 19.72 4.44 5.92
C LEU A 196 18.75 3.42 6.55
N ILE A 197 19.29 2.39 7.21
CA ILE A 197 18.55 1.57 8.21
C ILE A 197 19.01 1.96 9.62
N ASN A 198 18.08 2.35 10.50
CA ASN A 198 18.37 2.61 11.93
C ASN A 198 19.57 3.57 12.04
N ASN A 199 19.64 4.56 11.17
CA ASN A 199 20.71 5.59 11.13
C ASN A 199 22.11 4.96 11.26
N ARG A 200 22.31 3.77 10.73
CA ARG A 200 23.65 3.16 10.61
C ARG A 200 24.28 3.67 9.31
N PRO A 201 25.64 3.67 9.18
CA PRO A 201 26.28 3.86 7.87
C PRO A 201 25.76 2.80 6.87
N ALA A 202 25.79 3.10 5.57
CA ALA A 202 25.27 2.19 4.50
C ALA A 202 26.32 1.11 4.22
N HIS A 203 25.89 -0.02 3.64
CA HIS A 203 26.64 -1.30 3.50
C HIS A 203 26.93 -1.86 4.91
N SER A 204 26.14 -1.44 5.90
CA SER A 204 26.37 -1.67 7.36
C SER A 204 25.04 -1.87 8.11
N GLY A 205 23.92 -2.09 7.40
CA GLY A 205 22.58 -2.27 8.02
C GLY A 205 22.58 -3.45 8.97
N PRO A 206 21.77 -3.44 10.05
CA PRO A 206 21.95 -4.37 11.17
C PRO A 206 21.71 -5.83 10.78
N ASN A 207 22.32 -6.76 11.51
CA ASN A 207 21.99 -8.20 11.43
C ASN A 207 21.22 -8.59 12.68
N PHE A 208 20.39 -9.61 12.56
CA PHE A 208 19.57 -10.17 13.68
C PHE A 208 19.78 -11.67 13.68
N GLU A 209 20.29 -12.19 14.80
CA GLU A 209 20.56 -13.63 15.01
C GLU A 209 19.27 -14.25 15.54
N ALA A 210 19.08 -15.54 15.26
CA ALA A 210 17.96 -16.35 15.76
C ALA A 210 18.26 -17.83 15.47
N THR A 211 17.45 -18.73 16.03
CA THR A 211 17.56 -20.19 15.85
C THR A 211 16.35 -20.71 15.07
N VAL A 212 16.57 -21.75 14.25
CA VAL A 212 15.50 -22.48 13.51
C VAL A 212 14.35 -22.75 14.50
N GLY A 213 13.13 -22.27 14.21
CA GLY A 213 11.93 -22.55 15.01
C GLY A 213 11.55 -21.39 15.93
N ASP A 214 12.48 -20.48 16.20
CA ASP A 214 12.21 -19.28 17.03
C ASP A 214 11.01 -18.56 16.42
N ARG A 215 10.07 -18.12 17.26
CA ARG A 215 9.01 -17.16 16.87
C ARG A 215 9.65 -15.78 16.90
N VAL A 216 10.07 -15.27 15.75
CA VAL A 216 10.79 -13.97 15.69
C VAL A 216 9.81 -12.92 15.22
N GLU A 217 9.75 -11.79 15.91
CA GLU A 217 8.89 -10.64 15.59
C GLU A 217 9.74 -9.54 14.96
N PHE A 218 9.21 -8.86 13.96
CA PHE A 218 9.84 -7.68 13.31
C PHE A 218 8.85 -6.53 13.34
N VAL A 219 9.33 -5.35 13.72
CA VAL A 219 8.59 -4.07 13.57
C VAL A 219 9.29 -3.31 12.44
N MET A 220 8.52 -2.81 11.49
CA MET A 220 9.02 -2.20 10.25
C MET A 220 8.38 -0.80 10.14
N ILE A 221 9.19 0.22 10.41
CA ILE A 221 8.84 1.66 10.42
C ILE A 221 9.60 2.35 9.28
N THR A 222 9.00 3.37 8.67
CA THR A 222 9.59 4.12 7.53
C THR A 222 9.51 5.60 7.88
N HIS A 223 10.52 6.39 7.50
CA HIS A 223 10.62 7.81 7.93
C HIS A 223 11.35 8.64 6.87
N GLY A 224 11.04 9.96 6.82
CA GLY A 224 11.76 10.96 6.03
C GLY A 224 11.05 11.33 4.75
N GLU A 225 11.72 11.17 3.60
CA GLU A 225 11.32 11.79 2.32
C GLU A 225 10.91 10.73 1.27
N TYR A 226 11.37 9.48 1.38
CA TYR A 226 11.41 8.50 0.26
C TYR A 226 10.48 7.32 0.52
N TYR A 227 9.72 6.88 -0.50
CA TYR A 227 8.97 5.60 -0.46
C TYR A 227 10.01 4.47 -0.54
N HIS A 228 9.70 3.30 0.01
CA HIS A 228 10.59 2.10 0.02
C HIS A 228 9.76 0.85 -0.23
N THR A 229 10.38 -0.30 -0.46
CA THR A 229 9.73 -1.63 -0.43
C THR A 229 10.55 -2.55 0.47
N PHE A 230 9.99 -2.98 1.60
CA PHE A 230 10.67 -3.91 2.54
C PHE A 230 10.48 -5.33 2.01
N HIS A 231 11.58 -6.07 1.81
CA HIS A 231 11.60 -7.50 1.39
C HIS A 231 12.39 -8.33 2.41
N MET A 232 12.15 -9.64 2.44
CA MET A 232 12.92 -10.62 3.25
C MET A 232 12.94 -11.96 2.49
N HIS A 233 14.14 -12.51 2.27
CA HIS A 233 14.36 -13.84 1.65
C HIS A 233 13.92 -14.91 2.64
N GLY A 234 13.33 -16.00 2.16
CA GLY A 234 13.11 -17.25 2.93
C GLY A 234 11.86 -17.22 3.80
N HIS A 235 11.18 -16.07 3.90
CA HIS A 235 10.09 -15.81 4.87
C HIS A 235 9.00 -14.94 4.23
N ARG A 236 7.78 -15.06 4.73
CA ARG A 236 6.58 -14.32 4.24
C ARG A 236 5.61 -14.12 5.40
N TRP A 237 4.70 -13.16 5.27
CA TRP A 237 3.71 -12.81 6.31
C TRP A 237 2.40 -12.33 5.66
N ALA A 238 1.39 -12.05 6.49
CA ALA A 238 0.02 -11.67 6.07
C ALA A 238 -0.12 -10.15 6.17
N ASP A 239 -0.73 -9.51 5.18
CA ASP A 239 -0.99 -8.05 5.21
C ASP A 239 -2.22 -7.80 6.10
N ASN A 240 -2.04 -7.76 7.42
CA ASN A 240 -3.14 -7.55 8.39
C ASN A 240 -2.52 -7.00 9.67
N ARG A 241 -3.24 -7.03 10.80
CA ARG A 241 -2.81 -6.35 12.05
C ARG A 241 -1.57 -7.04 12.63
N THR A 242 -1.69 -8.33 12.89
CA THR A 242 -0.68 -9.15 13.63
C THR A 242 0.48 -9.57 12.73
N GLY A 243 0.27 -9.54 11.42
CA GLY A 243 1.21 -10.13 10.44
C GLY A 243 1.04 -11.64 10.35
N MET A 244 0.10 -12.21 11.10
CA MET A 244 -0.24 -13.65 11.05
C MET A 244 -1.70 -13.78 10.61
N LEU A 245 -1.99 -14.73 9.72
CA LEU A 245 -3.37 -15.17 9.37
C LEU A 245 -4.03 -15.75 10.63
N THR A 246 -5.23 -15.29 10.97
CA THR A 246 -6.02 -15.77 12.14
C THR A 246 -6.31 -17.26 11.93
N GLY A 247 -6.76 -17.63 10.73
CA GLY A 247 -6.95 -19.03 10.29
C GLY A 247 -7.34 -19.10 8.82
N PRO A 248 -7.95 -20.22 8.36
CA PRO A 248 -8.24 -20.41 6.93
C PRO A 248 -9.25 -19.41 6.38
N ASP A 249 -10.09 -18.81 7.24
CA ASP A 249 -11.06 -17.76 6.86
C ASP A 249 -10.38 -16.38 6.94
N ASP A 250 -9.05 -16.30 6.93
CA ASP A 250 -8.36 -14.99 6.75
C ASP A 250 -7.96 -14.84 5.27
N PRO A 251 -8.65 -13.96 4.52
CA PRO A 251 -8.35 -13.77 3.09
C PRO A 251 -7.18 -12.83 2.79
N SER A 252 -6.58 -12.20 3.82
CA SER A 252 -5.49 -11.20 3.70
C SER A 252 -4.37 -11.74 2.81
N GLN A 253 -3.71 -10.85 2.06
CA GLN A 253 -2.62 -11.24 1.11
C GLN A 253 -1.42 -11.68 1.92
N VAL A 254 -0.89 -12.85 1.57
CA VAL A 254 0.42 -13.36 2.05
C VAL A 254 1.49 -12.77 1.13
N VAL A 255 2.43 -12.00 1.70
CA VAL A 255 3.46 -11.23 0.97
C VAL A 255 4.82 -11.58 1.55
N ASP A 256 5.90 -11.22 0.84
CA ASP A 256 7.28 -11.04 1.35
C ASP A 256 7.84 -9.68 0.91
N ASN A 257 7.00 -8.78 0.41
CA ASN A 257 7.42 -7.49 -0.19
C ASN A 257 6.27 -6.49 -0.03
N LYS A 258 6.53 -5.37 0.66
CA LYS A 258 5.48 -4.39 1.03
C LYS A 258 6.03 -2.99 0.77
N ILE A 259 5.30 -2.19 -0.01
CA ILE A 259 5.58 -0.75 -0.21
C ILE A 259 5.20 0.00 1.07
N VAL A 260 6.06 0.91 1.49
CA VAL A 260 5.93 1.72 2.74
C VAL A 260 6.44 3.13 2.44
N GLY A 261 5.87 4.13 3.12
CA GLY A 261 6.30 5.54 3.03
C GLY A 261 6.49 6.14 4.42
N PRO A 262 6.92 7.41 4.52
CA PRO A 262 7.14 8.07 5.81
C PRO A 262 6.00 7.90 6.83
N ALA A 263 6.33 7.32 8.00
CA ALA A 263 5.48 7.13 9.21
C ALA A 263 4.57 5.91 9.08
N ASP A 264 4.70 5.11 8.02
CA ASP A 264 4.01 3.79 7.94
C ASP A 264 4.66 2.88 8.98
N SER A 265 3.85 2.13 9.72
CA SER A 265 4.29 1.10 10.68
C SER A 265 3.50 -0.18 10.46
N PHE A 266 4.21 -1.30 10.39
CA PHE A 266 3.61 -2.64 10.38
C PHE A 266 4.59 -3.52 11.14
N GLY A 267 4.13 -4.68 11.60
CA GLY A 267 4.99 -5.75 12.13
C GLY A 267 4.51 -7.11 11.67
N PHE A 268 5.25 -8.16 11.96
CA PHE A 268 4.82 -9.56 11.72
C PHE A 268 5.65 -10.51 12.57
N GLN A 269 5.23 -11.77 12.66
CA GLN A 269 6.01 -12.82 13.35
C GLN A 269 6.19 -14.00 12.41
N VAL A 270 7.41 -14.51 12.30
CA VAL A 270 7.73 -15.70 11.47
C VAL A 270 8.36 -16.72 12.40
N ILE A 271 8.16 -17.99 12.07
CA ILE A 271 8.95 -19.12 12.60
C ILE A 271 10.24 -19.11 11.77
N ALA A 272 11.31 -18.60 12.39
CA ALA A 272 12.65 -18.49 11.78
C ALA A 272 12.94 -19.76 10.97
N GLY A 273 13.23 -19.60 9.67
CA GLY A 273 13.70 -20.67 8.79
C GLY A 273 12.64 -21.73 8.58
N GLU A 274 11.36 -21.38 8.71
CA GLU A 274 10.23 -22.34 8.52
C GLU A 274 10.17 -22.79 7.06
N GLY A 275 10.37 -24.08 6.85
CA GLY A 275 10.23 -24.75 5.53
C GLY A 275 11.40 -24.47 4.63
N VAL A 276 12.44 -23.78 5.12
CA VAL A 276 13.58 -23.27 4.28
C VAL A 276 14.94 -23.61 4.93
N GLY A 277 14.99 -23.94 6.22
CA GLY A 277 16.22 -24.35 6.94
C GLY A 277 17.02 -23.15 7.41
N ALA A 278 18.15 -23.41 8.10
CA ALA A 278 19.09 -22.39 8.62
C ALA A 278 19.83 -21.73 7.45
N GLY A 279 20.17 -20.44 7.58
CA GLY A 279 20.98 -19.71 6.59
C GLY A 279 21.04 -18.22 6.88
N ALA A 280 21.95 -17.52 6.20
CA ALA A 280 21.94 -16.05 6.09
C ALA A 280 20.79 -15.65 5.16
N TRP A 281 19.70 -15.17 5.78
CA TRP A 281 18.47 -14.75 5.09
C TRP A 281 18.48 -13.23 4.99
N MET A 282 18.76 -12.74 3.79
CA MET A 282 18.88 -11.31 3.42
C MET A 282 17.52 -10.65 3.65
N TYR A 283 17.51 -9.48 4.28
CA TYR A 283 16.38 -8.51 4.18
C TYR A 283 16.96 -7.27 3.54
N HIS A 284 16.20 -6.62 2.66
CA HIS A 284 16.71 -5.47 1.86
C HIS A 284 15.55 -4.68 1.31
N CYS A 285 15.66 -3.36 1.30
CA CYS A 285 14.84 -2.53 0.40
C CYS A 285 14.97 -3.12 -1.01
N HIS A 286 13.89 -3.26 -1.76
CA HIS A 286 13.88 -3.89 -3.11
C HIS A 286 13.87 -2.85 -4.23
N VAL A 287 13.75 -1.55 -3.90
CA VAL A 287 14.07 -0.41 -4.81
C VAL A 287 15.56 -0.53 -5.16
N GLN A 288 15.86 -0.75 -6.43
CA GLN A 288 17.16 -1.31 -6.85
C GLN A 288 18.30 -0.41 -6.38
N SER A 289 18.24 0.91 -6.58
CA SER A 289 19.33 1.82 -6.17
C SER A 289 19.52 1.74 -4.65
N HIS A 290 18.44 1.48 -3.90
CA HIS A 290 18.43 1.39 -2.42
C HIS A 290 19.21 0.15 -1.95
N SER A 291 18.97 -1.03 -2.51
CA SER A 291 19.74 -2.25 -2.16
C SER A 291 21.20 -2.10 -2.62
N ASP A 292 21.40 -1.47 -3.78
CA ASP A 292 22.72 -1.27 -4.45
C ASP A 292 23.60 -0.38 -3.56
N MET A 293 23.02 0.62 -2.89
CA MET A 293 23.77 1.60 -2.05
C MET A 293 23.91 1.08 -0.62
N GLY A 294 23.38 -0.10 -0.30
CA GLY A 294 23.73 -0.84 0.94
C GLY A 294 22.59 -0.94 1.96
N VAL A 295 21.34 -0.70 1.58
CA VAL A 295 20.17 -0.95 2.47
C VAL A 295 19.91 -2.47 2.44
N VAL A 296 20.80 -3.21 3.10
CA VAL A 296 20.78 -4.70 3.21
C VAL A 296 21.09 -5.02 4.68
N GLY A 297 20.62 -6.18 5.16
CA GLY A 297 20.93 -6.76 6.47
C GLY A 297 20.75 -8.26 6.42
N LEU A 298 21.18 -8.97 7.46
CA LEU A 298 21.04 -10.45 7.52
C LEU A 298 20.20 -10.85 8.74
N PHE A 299 19.13 -11.57 8.48
CA PHE A 299 18.43 -12.44 9.44
C PHE A 299 19.24 -13.75 9.45
N LEU A 300 20.14 -13.88 10.43
CA LEU A 300 21.06 -15.02 10.59
C LEU A 300 20.36 -16.11 11.40
N VAL A 301 19.98 -17.20 10.74
CA VAL A 301 19.12 -18.24 11.38
C VAL A 301 19.99 -19.48 11.58
N LYS A 302 20.38 -19.68 12.84
CA LYS A 302 21.32 -20.74 13.27
C LYS A 302 20.54 -22.05 13.43
N LYS A 303 21.17 -23.17 13.10
CA LYS A 303 20.75 -24.53 13.51
C LYS A 303 20.74 -24.61 15.04
N THR A 304 20.20 -25.69 15.61
CA THR A 304 20.08 -25.88 17.09
C THR A 304 21.48 -25.97 17.70
N ASP A 305 22.43 -26.54 16.95
CA ASP A 305 23.84 -26.79 17.35
C ASP A 305 24.68 -25.52 17.16
N GLY A 306 24.04 -24.39 16.83
CA GLY A 306 24.67 -23.06 16.79
C GLY A 306 25.36 -22.74 15.46
N THR A 307 25.38 -23.67 14.51
CA THR A 307 26.06 -23.48 13.19
C THR A 307 25.14 -22.76 12.20
N ILE A 308 25.71 -22.40 11.06
CA ILE A 308 25.01 -21.76 9.91
C ILE A 308 25.73 -22.22 8.66
N PRO A 309 25.02 -22.56 7.57
CA PRO A 309 25.66 -22.87 6.29
C PRO A 309 26.48 -21.69 5.76
N GLY A 310 27.62 -21.97 5.12
CA GLY A 310 28.64 -20.95 4.76
C GLY A 310 28.05 -19.86 3.89
N TYR A 311 28.32 -18.58 4.26
CA TYR A 311 27.90 -17.36 3.52
C TYR A 311 29.03 -16.31 3.53
N GLU A 312 28.73 -15.09 3.09
CA GLU A 312 29.72 -13.96 2.98
C GLU A 312 29.20 -12.72 3.71
N GLY B 43 -32.24 -0.50 -6.91
CA GLY B 43 -32.26 0.87 -6.31
C GLY B 43 -33.09 1.87 -7.12
N GLU B 44 -32.90 3.16 -6.87
CA GLU B 44 -33.63 4.29 -7.52
C GLU B 44 -32.79 4.82 -8.69
N VAL B 45 -33.44 5.28 -9.78
CA VAL B 45 -32.81 6.04 -10.89
C VAL B 45 -32.84 7.53 -10.53
N ARG B 46 -31.72 8.24 -10.75
CA ARG B 46 -31.52 9.66 -10.36
C ARG B 46 -30.88 10.45 -11.52
N ARG B 47 -31.10 11.77 -11.54
CA ARG B 47 -30.69 12.70 -12.63
C ARG B 47 -30.15 13.98 -12.00
N ILE B 48 -28.92 14.38 -12.37
CA ILE B 48 -28.31 15.67 -11.93
C ILE B 48 -27.61 16.35 -13.11
N LYS B 49 -27.35 17.65 -12.96
CA LYS B 49 -26.59 18.47 -13.94
C LYS B 49 -25.16 18.65 -13.39
N LEU B 50 -24.16 18.56 -14.27
CA LEU B 50 -22.75 18.86 -13.93
C LEU B 50 -22.14 19.78 -15.00
N TYR B 51 -21.42 20.81 -14.56
CA TYR B 51 -20.74 21.82 -15.40
C TYR B 51 -19.23 21.75 -15.14
N ALA B 52 -18.43 21.62 -16.20
CA ALA B 52 -16.99 21.96 -16.19
C ALA B 52 -16.84 23.45 -16.49
N GLU B 53 -16.15 24.19 -15.63
CA GLU B 53 -16.00 25.68 -15.73
C GLU B 53 -14.54 26.08 -15.47
N ARG B 54 -14.04 27.09 -16.18
CA ARG B 54 -12.76 27.78 -15.83
C ARG B 54 -13.00 28.58 -14.55
N LEU B 55 -11.98 28.74 -13.71
CA LEU B 55 -12.04 29.55 -12.46
C LEU B 55 -10.87 30.54 -12.45
N ALA B 56 -10.94 31.53 -11.55
CA ALA B 56 -9.88 32.52 -11.31
C ALA B 56 -8.56 31.77 -11.08
N ASP B 57 -7.42 32.41 -11.37
CA ASP B 57 -6.06 31.81 -11.24
C ASP B 57 -5.96 30.56 -12.13
N GLY B 58 -6.65 30.55 -13.28
CA GLY B 58 -6.54 29.52 -14.32
C GLY B 58 -6.74 28.11 -13.78
N GLN B 59 -7.69 27.92 -12.85
CA GLN B 59 -8.11 26.59 -12.34
C GLN B 59 -9.24 26.08 -13.24
N MET B 60 -9.76 24.88 -12.96
CA MET B 60 -10.92 24.27 -13.66
C MET B 60 -11.73 23.43 -12.65
N GLY B 61 -12.96 23.86 -12.36
CA GLY B 61 -13.88 23.16 -11.44
C GLY B 61 -15.01 22.45 -12.16
N TYR B 62 -15.57 21.43 -11.52
CA TYR B 62 -16.95 20.93 -11.76
C TYR B 62 -17.89 21.61 -10.75
N GLY B 63 -19.16 21.72 -11.10
CA GLY B 63 -20.24 22.25 -10.25
C GLY B 63 -21.58 21.58 -10.56
N LEU B 64 -22.49 21.53 -9.58
CA LEU B 64 -23.89 21.07 -9.78
C LEU B 64 -24.70 22.20 -10.41
N GLU B 65 -24.26 23.45 -10.22
CA GLU B 65 -24.87 24.68 -10.76
C GLU B 65 -23.78 25.54 -11.43
N LYS B 66 -24.13 26.23 -12.52
CA LYS B 66 -23.21 27.15 -13.24
C LYS B 66 -22.81 28.29 -12.30
N GLY B 67 -21.51 28.48 -12.05
CA GLY B 67 -20.94 29.57 -11.24
C GLY B 67 -20.74 29.16 -9.80
N ARG B 68 -21.02 27.90 -9.48
CA ARG B 68 -20.85 27.29 -8.12
C ARG B 68 -19.91 26.09 -8.20
N ALA B 69 -19.06 26.05 -9.23
CA ALA B 69 -18.06 24.98 -9.41
C ALA B 69 -17.09 25.04 -8.23
N THR B 70 -16.69 23.86 -7.73
CA THR B 70 -15.80 23.72 -6.55
C THR B 70 -14.60 22.84 -6.93
N ILE B 71 -13.53 22.93 -6.13
CA ILE B 71 -12.36 22.00 -6.15
C ILE B 71 -12.06 21.62 -4.69
N PRO B 72 -12.27 20.36 -4.29
CA PRO B 72 -12.77 19.32 -5.20
C PRO B 72 -14.21 19.61 -5.64
N GLY B 73 -14.68 18.86 -6.63
CA GLY B 73 -16.05 18.95 -7.16
C GLY B 73 -17.08 18.51 -6.13
N PRO B 74 -18.40 18.65 -6.44
CA PRO B 74 -19.45 18.24 -5.51
C PRO B 74 -19.34 16.72 -5.20
N LEU B 75 -19.60 16.33 -3.95
CA LEU B 75 -19.67 14.90 -3.54
C LEU B 75 -20.88 14.26 -4.23
N ILE B 76 -20.71 13.06 -4.78
CA ILE B 76 -21.82 12.25 -5.35
C ILE B 76 -21.99 11.02 -4.46
N GLU B 77 -23.20 10.83 -3.90
CA GLU B 77 -23.53 9.77 -2.92
C GLU B 77 -24.57 8.84 -3.56
N LEU B 78 -24.31 7.53 -3.56
CA LEU B 78 -25.17 6.52 -4.22
C LEU B 78 -25.32 5.30 -3.30
N ASN B 79 -26.42 4.57 -3.44
CA ASN B 79 -26.62 3.25 -2.81
C ASN B 79 -26.49 2.17 -3.90
N GLU B 80 -25.90 1.03 -3.56
CA GLU B 80 -25.68 -0.08 -4.53
C GLU B 80 -27.01 -0.44 -5.20
N GLY B 81 -27.01 -0.46 -6.54
CA GLY B 81 -28.18 -0.75 -7.37
C GLY B 81 -28.72 0.51 -8.04
N ASP B 82 -28.43 1.68 -7.47
CA ASP B 82 -28.79 2.99 -8.05
C ASP B 82 -28.20 3.13 -9.45
N THR B 83 -28.82 3.97 -10.27
CA THR B 83 -28.33 4.47 -11.59
C THR B 83 -28.25 5.99 -11.50
N LEU B 84 -27.19 6.59 -12.04
CA LEU B 84 -27.07 8.06 -12.13
C LEU B 84 -26.84 8.46 -13.60
N HIS B 85 -27.79 9.21 -14.15
CA HIS B 85 -27.70 9.92 -15.44
C HIS B 85 -27.18 11.33 -15.17
N ILE B 86 -26.00 11.67 -15.67
CA ILE B 86 -25.34 12.99 -15.46
C ILE B 86 -25.43 13.78 -16.77
N GLU B 87 -26.29 14.80 -16.82
CA GLU B 87 -26.33 15.82 -17.89
C GLU B 87 -25.09 16.68 -17.67
N PHE B 88 -24.05 16.45 -18.46
CA PHE B 88 -22.73 17.13 -18.36
C PHE B 88 -22.60 18.14 -19.49
N GLU B 89 -22.39 19.41 -19.12
CA GLU B 89 -22.13 20.55 -20.04
C GLU B 89 -20.68 21.03 -19.85
N ASN B 90 -19.91 21.04 -20.93
CA ASN B 90 -18.55 21.64 -20.99
C ASN B 90 -18.73 23.12 -21.34
N THR B 91 -18.55 24.03 -20.38
CA THR B 91 -18.64 25.50 -20.61
C THR B 91 -17.25 26.06 -20.95
N MET B 92 -16.29 25.20 -21.30
CA MET B 92 -14.88 25.63 -21.54
C MET B 92 -14.58 25.61 -23.05
N ASP B 93 -13.49 26.28 -23.45
CA ASP B 93 -13.11 26.50 -24.87
C ASP B 93 -12.22 25.34 -25.35
N VAL B 94 -11.99 24.37 -24.47
CA VAL B 94 -11.13 23.16 -24.68
C VAL B 94 -11.99 21.91 -24.45
N ARG B 95 -11.69 20.79 -25.12
CA ARG B 95 -12.40 19.49 -24.91
C ARG B 95 -12.21 19.04 -23.45
N ALA B 96 -13.28 18.57 -22.81
CA ALA B 96 -13.31 18.08 -21.41
C ALA B 96 -14.06 16.75 -21.35
N SER B 97 -13.93 16.00 -20.26
CA SER B 97 -14.77 14.80 -20.02
C SER B 97 -15.01 14.60 -18.52
N LEU B 98 -15.76 13.55 -18.20
CA LEU B 98 -16.04 13.06 -16.82
C LEU B 98 -15.82 11.54 -16.83
N HIS B 99 -14.73 11.09 -16.19
CA HIS B 99 -14.39 9.66 -15.97
C HIS B 99 -14.59 9.36 -14.48
N VAL B 100 -15.05 8.15 -14.19
CA VAL B 100 -15.35 7.68 -12.81
C VAL B 100 -14.59 6.37 -12.55
N HIS B 101 -14.02 6.25 -11.34
CA HIS B 101 -13.35 5.03 -10.84
C HIS B 101 -14.40 4.14 -10.16
N GLY B 102 -14.32 2.82 -10.39
CA GLY B 102 -14.92 1.80 -9.52
C GLY B 102 -16.36 1.48 -9.85
N LEU B 103 -17.16 2.49 -10.23
CA LEU B 103 -18.58 2.33 -10.62
C LEU B 103 -18.67 1.60 -11.96
N ASP B 104 -19.83 1.00 -12.25
CA ASP B 104 -20.15 0.39 -13.56
C ASP B 104 -20.47 1.51 -14.56
N TYR B 105 -19.88 1.47 -15.75
CA TYR B 105 -20.18 2.36 -16.91
C TYR B 105 -19.89 1.59 -18.21
N GLU B 106 -20.56 1.99 -19.30
CA GLU B 106 -20.27 1.46 -20.66
C GLU B 106 -19.24 2.37 -21.34
N VAL B 107 -18.55 1.83 -22.34
CA VAL B 107 -17.47 2.56 -23.07
C VAL B 107 -18.04 3.91 -23.48
N SER B 108 -19.33 4.01 -23.78
CA SER B 108 -19.94 5.27 -24.26
C SER B 108 -19.92 6.32 -23.14
N SER B 109 -19.61 5.92 -21.90
CA SER B 109 -19.48 6.84 -20.74
C SER B 109 -18.05 6.79 -20.16
N ASP B 110 -17.07 6.33 -20.96
CA ASP B 110 -15.64 6.21 -20.57
C ASP B 110 -15.06 7.58 -20.25
N GLY B 111 -15.51 8.61 -20.99
CA GLY B 111 -14.96 9.98 -20.93
C GLY B 111 -13.58 10.09 -21.57
N THR B 112 -13.27 9.21 -22.53
CA THR B 112 -11.96 9.14 -23.22
C THR B 112 -12.09 9.39 -24.74
N THR B 113 -11.08 10.02 -25.35
CA THR B 113 -11.00 10.18 -26.82
C THR B 113 -11.05 8.78 -27.45
N LEU B 114 -10.44 7.78 -26.81
CA LEU B 114 -10.40 6.38 -27.27
C LEU B 114 -11.82 5.90 -27.61
N ASN B 115 -12.78 6.07 -26.69
CA ASN B 115 -14.16 5.57 -26.84
C ASN B 115 -15.08 6.73 -27.23
N LYS B 116 -14.51 7.85 -27.69
CA LYS B 116 -15.27 8.98 -28.29
C LYS B 116 -16.39 9.37 -27.32
N SER B 117 -16.05 9.58 -26.05
CA SER B 117 -17.00 9.84 -24.96
C SER B 117 -16.67 11.17 -24.27
N ASP B 118 -15.81 11.98 -24.87
CA ASP B 118 -15.48 13.34 -24.37
C ASP B 118 -16.48 14.35 -24.96
N VAL B 119 -16.33 15.62 -24.62
CA VAL B 119 -17.32 16.69 -24.93
C VAL B 119 -16.60 17.90 -25.56
N GLU B 120 -16.95 18.22 -26.81
CA GLU B 120 -16.48 19.43 -27.55
C GLU B 120 -16.70 20.67 -26.68
N PRO B 121 -16.01 21.79 -26.94
CA PRO B 121 -16.22 23.01 -26.17
C PRO B 121 -17.66 23.49 -26.33
N GLY B 122 -18.32 23.86 -25.23
CA GLY B 122 -19.73 24.30 -25.20
C GLY B 122 -20.70 23.14 -25.31
N GLY B 123 -20.20 21.91 -25.48
CA GLY B 123 -21.02 20.73 -25.81
C GLY B 123 -21.71 20.16 -24.57
N THR B 124 -22.71 19.31 -24.80
CA THR B 124 -23.39 18.55 -23.72
C THR B 124 -23.37 17.05 -24.06
N ARG B 125 -23.28 16.23 -23.01
CA ARG B 125 -23.38 14.75 -23.05
C ARG B 125 -23.91 14.27 -21.69
N THR B 126 -24.86 13.33 -21.70
CA THR B 126 -25.37 12.69 -20.46
C THR B 126 -24.66 11.35 -20.29
N TYR B 127 -23.79 11.26 -19.28
CA TYR B 127 -23.05 10.03 -18.88
C TYR B 127 -23.96 9.21 -17.94
N THR B 128 -23.90 7.89 -18.05
CA THR B 128 -24.65 6.94 -17.21
C THR B 128 -23.68 6.10 -16.35
N TRP B 129 -23.67 6.32 -15.02
CA TRP B 129 -23.05 5.41 -14.02
C TRP B 129 -24.11 4.49 -13.43
N ARG B 130 -23.84 3.18 -13.42
CA ARG B 130 -24.65 2.17 -12.71
C ARG B 130 -23.84 1.66 -11.52
N THR B 131 -24.52 1.08 -10.53
CA THR B 131 -23.92 0.41 -9.36
C THR B 131 -24.66 -0.91 -9.13
N HIS B 132 -24.04 -1.87 -8.46
CA HIS B 132 -24.69 -3.16 -8.07
C HIS B 132 -24.37 -3.47 -6.60
N ALA B 133 -25.18 -4.34 -6.00
CA ALA B 133 -24.95 -4.96 -4.68
C ALA B 133 -24.16 -6.25 -4.89
N PRO B 134 -23.48 -6.74 -3.85
CA PRO B 134 -22.78 -8.02 -3.92
C PRO B 134 -23.78 -9.15 -4.15
N GLY B 135 -23.30 -10.30 -4.58
CA GLY B 135 -24.08 -11.56 -4.57
C GLY B 135 -23.28 -12.71 -5.14
N ARG B 136 -23.57 -13.93 -4.69
CA ARG B 136 -23.07 -15.15 -5.38
C ARG B 136 -23.48 -15.04 -6.85
N ARG B 137 -22.50 -15.17 -7.75
CA ARG B 137 -22.74 -15.56 -9.16
C ARG B 137 -23.32 -16.97 -9.16
N SER B 138 -23.77 -17.43 -10.32
CA SER B 138 -24.35 -18.79 -10.50
C SER B 138 -23.27 -19.88 -10.41
N ASP B 139 -21.98 -19.55 -10.65
CA ASP B 139 -20.85 -20.54 -10.57
C ASP B 139 -20.36 -20.70 -9.12
N GLY B 140 -20.96 -20.02 -8.14
CA GLY B 140 -20.58 -20.12 -6.71
C GLY B 140 -19.73 -18.95 -6.20
N THR B 141 -19.05 -18.22 -7.09
CA THR B 141 -18.09 -17.15 -6.73
C THR B 141 -18.84 -15.90 -6.24
N TRP B 142 -18.18 -15.05 -5.45
CA TRP B 142 -18.79 -13.83 -4.85
C TRP B 142 -18.50 -12.61 -5.71
N ARG B 143 -19.54 -11.97 -6.25
CA ARG B 143 -19.40 -10.73 -7.04
C ARG B 143 -19.31 -9.55 -6.08
N ALA B 144 -18.15 -8.89 -6.02
CA ALA B 144 -17.93 -7.72 -5.15
C ALA B 144 -18.95 -6.65 -5.54
N GLY B 145 -19.54 -5.97 -4.57
CA GLY B 145 -20.45 -4.85 -4.82
C GLY B 145 -19.71 -3.63 -5.35
N SER B 146 -20.44 -2.65 -5.85
CA SER B 146 -19.92 -1.33 -6.30
C SER B 146 -19.52 -0.43 -5.11
N ALA B 147 -19.91 -0.78 -3.89
CA ALA B 147 -19.78 0.11 -2.70
C ALA B 147 -18.30 0.39 -2.42
N GLY B 148 -17.99 1.64 -2.06
CA GLY B 148 -16.63 2.04 -1.65
C GLY B 148 -16.45 3.54 -1.73
N TYR B 149 -15.24 4.00 -1.43
CA TYR B 149 -14.80 5.41 -1.59
C TYR B 149 -14.11 5.54 -2.94
N TRP B 150 -14.73 6.29 -3.86
CA TRP B 150 -14.29 6.43 -5.27
C TRP B 150 -14.18 7.91 -5.63
N HIS B 151 -14.01 8.22 -6.92
CA HIS B 151 -13.77 9.60 -7.42
C HIS B 151 -14.01 9.65 -8.94
N TYR B 152 -14.33 10.86 -9.43
CA TYR B 152 -14.45 11.20 -10.87
C TYR B 152 -13.42 12.28 -11.21
N HIS B 153 -12.98 12.31 -12.47
CA HIS B 153 -11.94 13.25 -12.97
C HIS B 153 -12.04 13.38 -14.49
N ASP B 154 -11.55 14.51 -15.02
CA ASP B 154 -11.39 14.76 -16.48
C ASP B 154 -10.35 13.77 -17.04
N HIS B 155 -10.52 13.31 -18.28
CA HIS B 155 -9.60 12.36 -18.96
C HIS B 155 -9.11 12.90 -20.31
N VAL B 156 -9.27 14.20 -20.62
CA VAL B 156 -8.86 14.77 -21.95
C VAL B 156 -8.27 16.19 -21.86
N VAL B 157 -8.32 16.91 -20.73
CA VAL B 157 -7.71 18.27 -20.65
C VAL B 157 -6.19 18.15 -20.45
N GLY B 158 -5.41 18.73 -21.37
CA GLY B 158 -3.93 18.70 -21.37
C GLY B 158 -3.39 17.53 -22.19
N THR B 159 -3.79 16.30 -21.85
CA THR B 159 -3.36 15.02 -22.48
C THR B 159 -4.56 14.08 -22.54
N GLU B 160 -4.45 12.95 -23.25
CA GLU B 160 -5.56 11.98 -23.37
C GLU B 160 -5.72 11.22 -22.05
N HIS B 161 -5.03 11.66 -20.99
CA HIS B 161 -5.14 11.11 -19.61
C HIS B 161 -5.48 12.21 -18.62
N GLY B 162 -5.84 13.40 -19.12
CA GLY B 162 -6.41 14.48 -18.30
C GLY B 162 -5.42 15.04 -17.30
N THR B 163 -4.13 15.05 -17.63
CA THR B 163 -3.08 15.58 -16.74
C THR B 163 -3.37 17.06 -16.50
N GLY B 164 -3.82 17.77 -17.54
CA GLY B 164 -4.14 19.20 -17.45
C GLY B 164 -5.36 19.42 -16.57
N GLY B 165 -6.46 18.74 -16.90
CA GLY B 165 -7.73 18.79 -16.15
C GLY B 165 -7.48 18.54 -14.67
N ILE B 166 -6.91 17.38 -14.35
CA ILE B 166 -6.59 16.94 -12.97
C ILE B 166 -5.78 18.04 -12.28
N ARG B 167 -4.69 18.52 -12.91
CA ARG B 167 -3.77 19.54 -12.34
C ARG B 167 -4.60 20.79 -11.98
N LYS B 168 -5.57 21.16 -12.83
CA LYS B 168 -6.31 22.45 -12.70
C LYS B 168 -7.44 22.37 -11.67
N GLY B 169 -7.98 21.16 -11.40
CA GLY B 169 -8.93 20.92 -10.29
C GLY B 169 -10.14 20.09 -10.68
N LEU B 170 -10.14 19.42 -11.84
CA LEU B 170 -11.28 18.61 -12.35
C LEU B 170 -11.26 17.22 -11.71
N TYR B 171 -11.54 17.18 -10.41
CA TYR B 171 -11.69 15.94 -9.58
C TYR B 171 -12.74 16.21 -8.50
N GLY B 172 -13.27 15.14 -7.93
CA GLY B 172 -14.20 15.19 -6.79
C GLY B 172 -14.59 13.78 -6.35
N PRO B 173 -15.20 13.67 -5.15
CA PRO B 173 -15.48 12.37 -4.53
C PRO B 173 -16.81 11.74 -4.94
N VAL B 174 -16.81 10.42 -5.10
CA VAL B 174 -18.02 9.54 -5.17
C VAL B 174 -18.01 8.61 -3.95
N ILE B 175 -19.16 8.42 -3.31
CA ILE B 175 -19.38 7.40 -2.24
C ILE B 175 -20.51 6.49 -2.72
N VAL B 176 -20.25 5.18 -2.78
CA VAL B 176 -21.29 4.15 -3.03
C VAL B 176 -21.48 3.39 -1.71
N ARG B 177 -22.68 3.48 -1.14
CA ARG B 177 -23.06 2.89 0.18
C ARG B 177 -23.65 1.50 -0.05
N ARG B 178 -23.48 0.62 0.92
CA ARG B 178 -24.15 -0.72 1.03
C ARG B 178 -25.34 -0.58 2.00
N LYS B 179 -26.41 -1.35 1.76
CA LYS B 179 -27.57 -1.42 2.68
C LYS B 179 -27.07 -1.93 4.02
N GLY B 180 -27.21 -1.09 5.07
CA GLY B 180 -26.71 -1.37 6.43
C GLY B 180 -25.59 -0.43 6.82
N ASP B 181 -24.89 0.18 5.86
CA ASP B 181 -23.74 1.07 6.17
C ASP B 181 -24.19 2.19 7.12
N VAL B 182 -23.35 2.53 8.09
CA VAL B 182 -23.59 3.62 9.09
C VAL B 182 -23.38 4.97 8.38
N LEU B 183 -24.30 5.90 8.53
CA LEU B 183 -24.23 7.24 7.87
C LEU B 183 -23.61 8.25 8.83
N PRO B 184 -22.79 9.21 8.33
CA PRO B 184 -22.10 10.15 9.22
C PRO B 184 -22.89 11.45 9.45
N ASP B 185 -22.51 12.22 10.47
CA ASP B 185 -23.05 13.58 10.77
C ASP B 185 -22.52 14.58 9.73
N ALA B 186 -21.31 14.36 9.19
CA ALA B 186 -20.74 15.17 8.10
C ALA B 186 -19.70 14.34 7.33
N THR B 187 -19.42 14.74 6.07
CA THR B 187 -18.38 14.16 5.19
C THR B 187 -17.45 15.28 4.71
N HIS B 188 -16.14 15.07 4.84
CA HIS B 188 -15.06 16.02 4.45
C HIS B 188 -14.12 15.34 3.43
N THR B 189 -13.88 15.99 2.29
CA THR B 189 -13.05 15.48 1.17
C THR B 189 -11.67 16.14 1.19
N ILE B 190 -10.61 15.33 1.33
CA ILE B 190 -9.18 15.76 1.34
C ILE B 190 -8.49 15.16 0.10
N VAL B 191 -7.97 16.02 -0.78
CA VAL B 191 -7.33 15.58 -2.05
C VAL B 191 -5.89 16.09 -2.08
N PHE B 192 -4.93 15.15 -2.05
CA PHE B 192 -3.50 15.37 -2.35
C PHE B 192 -3.36 15.39 -3.88
N ASN B 193 -3.38 16.61 -4.43
CA ASN B 193 -3.12 16.91 -5.86
C ASN B 193 -1.68 17.40 -5.98
N ASP B 194 -0.80 16.60 -6.59
CA ASP B 194 0.66 16.92 -6.65
C ASP B 194 1.07 17.35 -5.24
N MET B 195 1.47 18.61 -5.01
CA MET B 195 2.01 19.08 -3.71
C MET B 195 1.01 20.00 -2.99
N LEU B 196 -0.22 20.11 -3.51
CA LEU B 196 -1.32 20.93 -2.91
C LEU B 196 -2.35 19.99 -2.27
N ILE B 197 -3.13 20.52 -1.33
CA ILE B 197 -4.42 19.94 -0.88
C ILE B 197 -5.53 20.73 -1.57
N ASN B 198 -6.38 20.05 -2.34
CA ASN B 198 -7.61 20.63 -2.96
C ASN B 198 -7.24 21.88 -3.78
N ASN B 199 -6.07 21.89 -4.43
CA ASN B 199 -5.57 23.01 -5.29
C ASN B 199 -5.57 24.34 -4.52
N ARG B 200 -5.29 24.34 -3.24
CA ARG B 200 -5.17 25.58 -2.43
C ARG B 200 -3.72 26.06 -2.48
N PRO B 201 -3.45 27.38 -2.36
CA PRO B 201 -2.09 27.88 -2.15
C PRO B 201 -1.46 27.25 -0.91
N ALA B 202 -0.26 26.67 -1.03
CA ALA B 202 0.39 25.86 0.03
C ALA B 202 0.61 26.70 1.29
N HIS B 203 0.64 26.03 2.46
CA HIS B 203 0.70 26.58 3.84
C HIS B 203 -0.66 27.15 4.24
N SER B 204 -1.74 26.68 3.59
CA SER B 204 -3.12 27.15 3.87
C SER B 204 -4.14 25.99 3.84
N GLY B 205 -3.68 24.73 3.98
CA GLY B 205 -4.52 23.51 3.94
C GLY B 205 -5.83 23.67 4.74
N PRO B 206 -6.95 23.09 4.26
CA PRO B 206 -8.28 23.38 4.79
C PRO B 206 -8.52 22.86 6.21
N ASN B 207 -9.24 23.64 7.03
CA ASN B 207 -9.64 23.25 8.41
C ASN B 207 -11.04 22.62 8.31
N PHE B 208 -11.36 21.71 9.23
CA PHE B 208 -12.67 21.00 9.30
C PHE B 208 -13.17 21.02 10.74
N GLU B 209 -14.37 21.58 10.93
CA GLU B 209 -15.00 21.85 12.25
C GLU B 209 -15.92 20.67 12.57
N ALA B 210 -15.95 20.25 13.83
CA ALA B 210 -16.84 19.18 14.32
C ALA B 210 -16.96 19.30 15.84
N THR B 211 -17.87 18.54 16.44
CA THR B 211 -18.13 18.55 17.91
C THR B 211 -17.82 17.15 18.44
N VAL B 212 -17.19 17.06 19.61
CA VAL B 212 -16.84 15.74 20.22
C VAL B 212 -18.06 14.83 20.10
N GLY B 213 -17.84 13.55 19.83
CA GLY B 213 -18.93 12.58 19.66
C GLY B 213 -19.53 12.60 18.27
N ASP B 214 -19.43 13.72 17.52
CA ASP B 214 -19.90 13.75 16.10
C ASP B 214 -19.22 12.59 15.37
N ARG B 215 -19.93 11.92 14.46
CA ARG B 215 -19.41 10.80 13.61
C ARG B 215 -18.96 11.42 12.29
N VAL B 216 -17.66 11.62 12.11
CA VAL B 216 -17.10 12.40 10.97
C VAL B 216 -16.50 11.43 9.95
N GLU B 217 -16.90 11.61 8.69
CA GLU B 217 -16.46 10.86 7.50
C GLU B 217 -15.43 11.69 6.73
N PHE B 218 -14.30 11.08 6.38
CA PHE B 218 -13.25 11.64 5.49
C PHE B 218 -13.17 10.79 4.22
N VAL B 219 -13.21 11.46 3.06
CA VAL B 219 -12.80 10.88 1.75
C VAL B 219 -11.41 11.43 1.42
N MET B 220 -10.48 10.53 1.15
CA MET B 220 -9.05 10.84 0.88
C MET B 220 -8.71 10.32 -0.52
N ILE B 221 -8.43 11.26 -1.43
CA ILE B 221 -8.14 11.01 -2.87
C ILE B 221 -6.77 11.62 -3.21
N THR B 222 -5.97 10.96 -4.04
CA THR B 222 -4.63 11.43 -4.48
C THR B 222 -4.58 11.46 -6.01
N HIS B 223 -3.88 12.46 -6.57
CA HIS B 223 -3.74 12.72 -8.03
C HIS B 223 -2.36 13.32 -8.32
N GLY B 224 -2.01 13.40 -9.61
CA GLY B 224 -0.75 14.00 -10.09
C GLY B 224 0.38 12.99 -10.23
N GLU B 225 1.57 13.33 -9.71
CA GLU B 225 2.87 12.66 -10.02
C GLU B 225 3.43 11.90 -8.83
N TYR B 226 3.15 12.34 -7.60
CA TYR B 226 3.93 11.97 -6.40
C TYR B 226 3.13 11.00 -5.53
N TYR B 227 3.84 10.12 -4.84
CA TYR B 227 3.33 9.35 -3.68
C TYR B 227 3.25 10.31 -2.49
N HIS B 228 2.42 9.97 -1.51
CA HIS B 228 2.24 10.72 -0.22
C HIS B 228 1.93 9.70 0.88
N THR B 229 1.91 10.16 2.13
CA THR B 229 1.32 9.42 3.27
C THR B 229 0.38 10.37 4.00
N PHE B 230 -0.90 9.99 4.07
CA PHE B 230 -1.95 10.66 4.86
C PHE B 230 -1.89 10.19 6.31
N HIS B 231 -1.78 11.13 7.27
CA HIS B 231 -1.76 10.88 8.74
C HIS B 231 -2.69 11.86 9.44
N MET B 232 -3.29 11.39 10.53
CA MET B 232 -4.19 12.17 11.41
C MET B 232 -3.80 11.89 12.88
N HIS B 233 -3.54 12.97 13.63
CA HIS B 233 -3.28 12.99 15.09
C HIS B 233 -4.59 12.68 15.84
N GLY B 234 -4.53 11.82 16.85
CA GLY B 234 -5.64 11.53 17.77
C GLY B 234 -6.71 10.61 17.19
N HIS B 235 -6.58 10.13 15.94
CA HIS B 235 -7.64 9.29 15.30
C HIS B 235 -7.04 8.14 14.49
N ARG B 236 -7.75 7.02 14.46
CA ARG B 236 -7.38 5.72 13.81
C ARG B 236 -8.52 5.33 12.87
N TRP B 237 -8.25 4.46 11.88
CA TRP B 237 -9.28 3.80 11.06
C TRP B 237 -8.82 2.41 10.65
N ALA B 238 -9.72 1.62 10.06
CA ALA B 238 -9.44 0.25 9.56
C ALA B 238 -9.10 0.33 8.07
N ASP B 239 -8.05 -0.38 7.64
CA ASP B 239 -7.66 -0.47 6.22
C ASP B 239 -8.59 -1.49 5.54
N ASN B 240 -9.84 -1.10 5.33
CA ASN B 240 -10.87 -1.97 4.69
C ASN B 240 -11.89 -1.08 3.97
N ARG B 241 -12.87 -1.67 3.28
CA ARG B 241 -13.79 -0.94 2.39
C ARG B 241 -14.35 0.32 3.05
N THR B 242 -14.61 0.22 4.35
CA THR B 242 -15.58 1.09 5.07
C THR B 242 -14.79 2.05 5.96
N GLY B 243 -13.64 1.60 6.48
CA GLY B 243 -12.75 2.39 7.37
C GLY B 243 -13.00 2.09 8.84
N MET B 244 -13.92 1.17 9.13
CA MET B 244 -14.22 0.70 10.51
C MET B 244 -14.37 -0.83 10.46
N LEU B 245 -13.89 -1.53 11.49
CA LEU B 245 -13.92 -3.01 11.52
C LEU B 245 -15.39 -3.48 11.53
N THR B 246 -15.69 -4.53 10.76
CA THR B 246 -17.06 -5.10 10.65
C THR B 246 -17.47 -5.59 12.04
N GLY B 247 -16.55 -6.27 12.73
CA GLY B 247 -16.72 -6.74 14.12
C GLY B 247 -15.43 -7.38 14.63
N PRO B 248 -15.51 -8.35 15.56
CA PRO B 248 -14.31 -8.97 16.12
C PRO B 248 -13.60 -9.90 15.15
N ASP B 249 -14.29 -10.47 14.16
CA ASP B 249 -13.70 -11.38 13.14
C ASP B 249 -12.94 -10.59 12.05
N ASP B 250 -12.83 -9.27 12.10
CA ASP B 250 -12.16 -8.46 11.03
C ASP B 250 -10.67 -8.27 11.33
N PRO B 251 -9.74 -8.92 10.58
CA PRO B 251 -8.30 -8.78 10.81
C PRO B 251 -7.61 -7.50 10.29
N SER B 252 -8.28 -6.74 9.43
CA SER B 252 -7.74 -5.50 8.80
C SER B 252 -6.86 -4.75 9.81
N GLN B 253 -5.66 -4.33 9.38
CA GLN B 253 -4.75 -3.53 10.23
C GLN B 253 -5.45 -2.21 10.57
N VAL B 254 -5.26 -1.73 11.79
CA VAL B 254 -5.73 -0.39 12.21
C VAL B 254 -4.53 0.55 12.12
N VAL B 255 -4.74 1.72 11.50
CA VAL B 255 -3.68 2.64 11.02
C VAL B 255 -4.08 4.09 11.34
N ASP B 256 -3.11 5.01 11.43
CA ASP B 256 -3.35 6.48 11.40
C ASP B 256 -2.50 7.12 10.29
N ASN B 257 -2.03 6.30 9.34
CA ASN B 257 -1.03 6.68 8.32
C ASN B 257 -1.16 5.72 7.13
N LYS B 258 -1.28 6.24 5.90
CA LYS B 258 -1.46 5.40 4.69
C LYS B 258 -0.70 5.98 3.51
N ILE B 259 0.16 5.17 2.89
CA ILE B 259 0.79 5.54 1.58
C ILE B 259 -0.32 5.51 0.52
N VAL B 260 -0.41 6.60 -0.24
CA VAL B 260 -1.39 6.77 -1.34
C VAL B 260 -0.65 7.30 -2.58
N GLY B 261 -0.97 6.75 -3.75
CA GLY B 261 -0.44 7.14 -5.05
C GLY B 261 -1.49 7.91 -5.84
N PRO B 262 -1.13 8.50 -6.99
CA PRO B 262 -2.11 9.11 -7.88
C PRO B 262 -3.26 8.17 -8.25
N ALA B 263 -4.50 8.66 -8.07
CA ALA B 263 -5.83 8.05 -8.38
C ALA B 263 -6.24 7.01 -7.34
N ASP B 264 -5.58 6.96 -6.19
CA ASP B 264 -6.03 6.12 -5.04
C ASP B 264 -7.15 6.86 -4.33
N SER B 265 -8.17 6.12 -3.92
CA SER B 265 -9.26 6.63 -3.05
C SER B 265 -9.43 5.68 -1.87
N PHE B 266 -9.51 6.23 -0.67
CA PHE B 266 -10.05 5.52 0.51
C PHE B 266 -10.85 6.53 1.31
N GLY B 267 -11.69 6.02 2.22
CA GLY B 267 -12.43 6.80 3.20
C GLY B 267 -12.54 6.05 4.50
N PHE B 268 -13.07 6.72 5.52
CA PHE B 268 -13.22 6.18 6.89
C PHE B 268 -14.07 7.18 7.69
N GLN B 269 -14.78 6.69 8.72
CA GLN B 269 -15.50 7.53 9.71
C GLN B 269 -14.80 7.37 11.05
N VAL B 270 -14.69 8.46 11.81
CA VAL B 270 -14.20 8.42 13.21
C VAL B 270 -15.28 9.01 14.11
N ILE B 271 -15.27 8.65 15.39
CA ILE B 271 -15.96 9.46 16.44
C ILE B 271 -14.97 10.56 16.84
N ALA B 272 -15.29 11.79 16.49
CA ALA B 272 -14.50 12.99 16.83
C ALA B 272 -14.24 13.01 18.34
N GLY B 273 -12.96 12.97 18.73
CA GLY B 273 -12.53 13.12 20.14
C GLY B 273 -12.52 11.78 20.87
N GLU B 274 -12.86 10.68 20.19
CA GLU B 274 -13.03 9.35 20.86
C GLU B 274 -11.71 8.97 21.55
N GLY B 275 -11.73 9.00 22.88
CA GLY B 275 -10.65 8.51 23.75
C GLY B 275 -9.53 9.52 23.92
N VAL B 276 -9.67 10.75 23.40
CA VAL B 276 -8.55 11.74 23.29
C VAL B 276 -9.01 13.16 23.72
N GLY B 277 -10.32 13.43 23.67
CA GLY B 277 -10.92 14.72 24.04
C GLY B 277 -10.93 15.69 22.88
N ALA B 278 -11.47 16.89 23.10
CA ALA B 278 -11.50 18.02 22.14
C ALA B 278 -10.07 18.50 21.88
N GLY B 279 -9.87 19.21 20.77
CA GLY B 279 -8.57 19.83 20.42
C GLY B 279 -8.41 20.07 18.93
N ALA B 280 -7.51 21.00 18.56
CA ALA B 280 -6.97 21.15 17.19
C ALA B 280 -6.12 19.91 16.86
N TRP B 281 -6.71 18.99 16.10
CA TRP B 281 -6.11 17.68 15.75
C TRP B 281 -5.56 17.76 14.33
N MET B 282 -4.24 17.91 14.23
CA MET B 282 -3.48 18.03 12.97
C MET B 282 -3.72 16.79 12.09
N TYR B 283 -4.12 16.99 10.83
CA TYR B 283 -3.88 16.04 9.71
C TYR B 283 -2.78 16.64 8.82
N HIS B 284 -1.87 15.82 8.30
CA HIS B 284 -0.77 16.24 7.40
C HIS B 284 -0.26 15.07 6.57
N CYS B 285 0.26 15.35 5.37
CA CYS B 285 1.13 14.43 4.62
C CYS B 285 2.38 14.22 5.48
N HIS B 286 2.79 12.97 5.69
CA HIS B 286 3.89 12.63 6.65
C HIS B 286 5.23 12.51 5.91
N VAL B 287 5.25 12.66 4.58
CA VAL B 287 6.50 12.97 3.81
C VAL B 287 7.01 14.32 4.34
N GLN B 288 8.21 14.33 4.91
CA GLN B 288 8.68 15.42 5.81
C GLN B 288 8.70 16.76 5.05
N SER B 289 9.30 16.79 3.85
CA SER B 289 9.36 17.98 2.98
C SER B 289 7.93 18.46 2.62
N HIS B 290 6.96 17.54 2.50
CA HIS B 290 5.54 17.88 2.20
C HIS B 290 4.93 18.62 3.40
N SER B 291 5.18 18.18 4.63
CA SER B 291 4.59 18.78 5.85
C SER B 291 5.23 20.14 6.14
N ASP B 292 6.53 20.27 5.86
CA ASP B 292 7.33 21.50 6.12
C ASP B 292 6.92 22.60 5.13
N MET B 293 6.68 22.24 3.87
CA MET B 293 6.18 23.16 2.80
C MET B 293 4.69 23.44 3.03
N GLY B 294 4.05 22.74 3.98
CA GLY B 294 2.78 23.14 4.63
C GLY B 294 1.57 22.39 4.11
N VAL B 295 1.70 21.08 3.85
CA VAL B 295 0.58 20.14 3.56
C VAL B 295 0.03 19.70 4.93
N VAL B 296 -0.61 20.64 5.61
CA VAL B 296 -1.18 20.50 6.98
C VAL B 296 -2.54 21.20 6.99
N GLY B 297 -3.46 20.66 7.78
CA GLY B 297 -4.75 21.27 8.18
C GLY B 297 -5.16 20.78 9.55
N LEU B 298 -6.21 21.38 10.12
CA LEU B 298 -6.71 21.05 11.48
C LEU B 298 -8.11 20.42 11.38
N PHE B 299 -8.27 19.26 12.03
CA PHE B 299 -9.59 18.69 12.43
C PHE B 299 -9.94 19.29 13.79
N LEU B 300 -10.67 20.42 13.77
CA LEU B 300 -11.04 21.23 14.98
C LEU B 300 -12.25 20.60 15.68
N VAL B 301 -12.01 19.87 16.77
CA VAL B 301 -13.02 19.11 17.56
C VAL B 301 -13.36 19.93 18.81
N LYS B 302 -14.51 20.62 18.77
CA LYS B 302 -15.00 21.52 19.85
C LYS B 302 -15.61 20.67 20.98
N LYS B 303 -15.50 21.13 22.23
CA LYS B 303 -16.30 20.62 23.37
C LYS B 303 -17.78 20.97 23.15
N THR B 304 -18.69 20.31 23.87
CA THR B 304 -20.16 20.47 23.76
C THR B 304 -20.53 21.95 23.89
N ASP B 305 -19.79 22.68 24.73
CA ASP B 305 -20.04 24.11 25.07
C ASP B 305 -19.56 25.03 23.94
N GLY B 306 -18.79 24.50 22.98
CA GLY B 306 -18.36 25.22 21.77
C GLY B 306 -16.92 25.68 21.82
N THR B 307 -16.28 25.64 23.00
CA THR B 307 -14.88 26.07 23.24
C THR B 307 -13.92 25.05 22.62
N ILE B 308 -12.62 25.33 22.64
CA ILE B 308 -11.51 24.45 22.17
C ILE B 308 -10.30 24.67 23.08
N PRO B 309 -9.59 23.62 23.55
CA PRO B 309 -8.41 23.82 24.38
C PRO B 309 -7.23 24.50 23.66
N GLY B 310 -6.65 25.54 24.30
CA GLY B 310 -5.37 26.18 23.94
C GLY B 310 -5.21 26.44 22.45
N TYR B 311 -6.28 26.87 21.77
CA TYR B 311 -6.29 27.26 20.34
C TYR B 311 -7.18 28.50 20.16
N GLY C 42 -2.43 -31.14 -6.17
CA GLY C 42 -1.19 -30.73 -5.43
C GLY C 42 -0.46 -31.92 -4.84
N GLY C 43 0.80 -31.70 -4.41
CA GLY C 43 1.69 -32.72 -3.82
C GLY C 43 2.52 -33.44 -4.87
N GLU C 44 2.69 -32.85 -6.06
CA GLU C 44 3.41 -33.47 -7.20
C GLU C 44 4.82 -32.84 -7.30
N VAL C 45 5.82 -33.68 -7.63
CA VAL C 45 7.19 -33.26 -8.07
C VAL C 45 7.15 -32.96 -9.57
N ARG C 46 7.61 -31.76 -9.97
CA ARG C 46 7.71 -31.31 -11.38
C ARG C 46 9.17 -30.97 -11.70
N ARG C 47 9.60 -31.26 -12.93
CA ARG C 47 10.94 -30.90 -13.48
C ARG C 47 10.78 -30.06 -14.75
N ILE C 48 11.49 -28.93 -14.82
CA ILE C 48 11.59 -28.09 -16.06
C ILE C 48 13.07 -27.70 -16.25
N LYS C 49 13.42 -27.36 -17.49
CA LYS C 49 14.70 -26.69 -17.87
C LYS C 49 14.38 -25.21 -18.09
N LEU C 50 15.33 -24.33 -17.79
CA LEU C 50 15.16 -22.87 -17.98
C LEU C 50 16.50 -22.23 -18.33
N TYR C 51 16.54 -21.42 -19.40
CA TYR C 51 17.77 -20.79 -19.91
C TYR C 51 17.71 -19.28 -19.64
N ALA C 52 18.84 -18.66 -19.28
CA ALA C 52 19.07 -17.21 -19.41
C ALA C 52 19.80 -16.97 -20.73
N GLU C 53 19.43 -15.90 -21.43
CA GLU C 53 19.86 -15.59 -22.81
C GLU C 53 19.87 -14.07 -22.98
N ARG C 54 20.92 -13.53 -23.61
CA ARG C 54 20.91 -12.17 -24.21
C ARG C 54 19.89 -12.20 -25.35
N LEU C 55 19.19 -11.10 -25.56
CA LEU C 55 18.22 -10.96 -26.68
C LEU C 55 18.64 -9.73 -27.50
N ALA C 56 17.84 -9.35 -28.49
CA ALA C 56 18.00 -8.12 -29.29
C ALA C 56 17.91 -6.90 -28.37
N ASP C 57 18.47 -5.78 -28.83
CA ASP C 57 18.24 -4.43 -28.27
C ASP C 57 18.77 -4.39 -26.82
N GLY C 58 19.80 -5.18 -26.49
CA GLY C 58 20.54 -5.11 -25.22
C GLY C 58 19.79 -5.75 -24.06
N GLN C 59 18.92 -6.72 -24.35
CA GLN C 59 18.00 -7.31 -23.33
C GLN C 59 18.47 -8.71 -22.98
N MET C 60 17.91 -9.25 -21.90
CA MET C 60 18.17 -10.63 -21.38
C MET C 60 16.83 -11.24 -20.96
N GLY C 61 16.67 -12.53 -21.21
CA GLY C 61 15.39 -13.24 -21.01
C GLY C 61 15.60 -14.65 -20.47
N TYR C 62 14.64 -15.09 -19.65
CA TYR C 62 14.42 -16.51 -19.26
C TYR C 62 13.57 -17.19 -20.36
N GLY C 63 13.80 -18.47 -20.61
CA GLY C 63 13.14 -19.26 -21.67
C GLY C 63 13.08 -20.74 -21.34
N LEU C 64 12.01 -21.43 -21.77
CA LEU C 64 11.79 -22.89 -21.55
C LEU C 64 12.73 -23.69 -22.46
N GLU C 65 13.27 -23.04 -23.50
CA GLU C 65 14.11 -23.64 -24.59
C GLU C 65 15.14 -22.61 -25.06
N LYS C 66 16.29 -23.08 -25.55
CA LYS C 66 17.35 -22.20 -26.12
C LYS C 66 16.78 -21.43 -27.33
N GLY C 67 16.78 -20.10 -27.24
CA GLY C 67 16.44 -19.18 -28.33
C GLY C 67 15.00 -18.74 -28.27
N ARG C 68 14.23 -19.25 -27.30
CA ARG C 68 12.79 -18.91 -27.12
C ARG C 68 12.57 -18.11 -25.82
N ALA C 69 13.60 -17.45 -25.28
CA ALA C 69 13.46 -16.58 -24.10
C ALA C 69 12.45 -15.47 -24.42
N THR C 70 11.60 -15.13 -23.46
CA THR C 70 10.59 -14.04 -23.52
C THR C 70 10.84 -13.05 -22.40
N ILE C 71 10.32 -11.82 -22.51
CA ILE C 71 10.21 -10.83 -21.40
C ILE C 71 8.77 -10.32 -21.27
N PRO C 72 7.99 -10.67 -20.22
CA PRO C 72 8.47 -11.47 -19.09
C PRO C 72 8.81 -12.93 -19.43
N GLY C 73 9.57 -13.56 -18.55
CA GLY C 73 9.88 -15.00 -18.67
C GLY C 73 8.60 -15.83 -18.60
N PRO C 74 8.71 -17.16 -18.83
CA PRO C 74 7.55 -18.05 -18.85
C PRO C 74 6.84 -18.05 -17.50
N LEU C 75 5.50 -18.14 -17.51
CA LEU C 75 4.66 -18.33 -16.29
C LEU C 75 4.91 -19.73 -15.74
N ILE C 76 5.32 -19.80 -14.47
CA ILE C 76 5.45 -21.06 -13.69
C ILE C 76 4.24 -21.15 -12.77
N GLU C 77 3.44 -22.20 -12.96
CA GLU C 77 2.17 -22.43 -12.24
C GLU C 77 2.32 -23.69 -11.37
N LEU C 78 2.10 -23.56 -10.05
CA LEU C 78 2.21 -24.66 -9.06
C LEU C 78 0.97 -24.73 -8.16
N ASN C 79 0.63 -25.94 -7.72
CA ASN C 79 -0.35 -26.19 -6.63
C ASN C 79 0.41 -26.36 -5.31
N GLU C 80 -0.07 -25.76 -4.21
CA GLU C 80 0.47 -25.97 -2.84
C GLU C 80 0.82 -27.46 -2.64
N GLY C 81 2.02 -27.74 -2.11
CA GLY C 81 2.53 -29.11 -1.92
C GLY C 81 3.55 -29.47 -2.98
N ASP C 82 3.43 -28.89 -4.18
CA ASP C 82 4.32 -29.18 -5.34
C ASP C 82 5.74 -28.74 -5.02
N THR C 83 6.69 -29.57 -5.46
CA THR C 83 8.14 -29.30 -5.54
C THR C 83 8.49 -29.12 -7.02
N LEU C 84 9.13 -28.00 -7.39
CA LEU C 84 9.65 -27.77 -8.75
C LEU C 84 11.18 -27.84 -8.69
N HIS C 85 11.78 -28.71 -9.49
CA HIS C 85 13.23 -28.74 -9.80
C HIS C 85 13.50 -28.06 -11.14
N ILE C 86 14.18 -26.91 -11.12
CA ILE C 86 14.47 -26.10 -12.34
C ILE C 86 15.92 -26.34 -12.79
N GLU C 87 16.12 -27.15 -13.83
CA GLU C 87 17.44 -27.35 -14.49
C GLU C 87 17.78 -26.06 -15.24
N PHE C 88 18.48 -25.13 -14.58
CA PHE C 88 18.80 -23.78 -15.11
C PHE C 88 20.19 -23.81 -15.76
N GLU C 89 20.33 -23.25 -16.96
CA GLU C 89 21.60 -23.08 -17.71
C GLU C 89 21.78 -21.60 -18.04
N ASN C 90 22.94 -21.03 -17.68
CA ASN C 90 23.30 -19.62 -17.95
C ASN C 90 24.06 -19.56 -19.28
N THR C 91 23.36 -19.32 -20.39
CA THR C 91 24.00 -19.29 -21.74
C THR C 91 24.79 -18.00 -21.92
N MET C 92 24.65 -17.04 -21.00
CA MET C 92 25.23 -15.67 -21.13
C MET C 92 26.68 -15.67 -20.68
N ASP C 93 27.36 -14.56 -20.96
CA ASP C 93 28.81 -14.30 -20.72
C ASP C 93 29.03 -13.67 -19.33
N VAL C 94 27.96 -13.38 -18.58
CA VAL C 94 28.06 -12.86 -17.18
C VAL C 94 27.33 -13.80 -16.24
N ARG C 95 27.71 -13.73 -14.96
CA ARG C 95 27.03 -14.43 -13.85
C ARG C 95 25.58 -13.96 -13.79
N ALA C 96 24.65 -14.92 -13.84
CA ALA C 96 23.19 -14.74 -13.68
C ALA C 96 22.66 -15.75 -12.63
N SER C 97 21.49 -15.49 -12.06
CA SER C 97 20.87 -16.40 -11.06
C SER C 97 19.36 -16.54 -11.35
N LEU C 98 18.70 -17.33 -10.51
CA LEU C 98 17.23 -17.42 -10.36
C LEU C 98 16.89 -17.30 -8.87
N HIS C 99 16.29 -16.17 -8.47
CA HIS C 99 15.75 -15.92 -7.10
C HIS C 99 14.25 -15.78 -7.25
N VAL C 100 13.48 -16.39 -6.35
CA VAL C 100 11.99 -16.44 -6.42
C VAL C 100 11.43 -15.79 -5.15
N HIS C 101 10.35 -15.02 -5.28
CA HIS C 101 9.62 -14.45 -4.12
C HIS C 101 8.56 -15.47 -3.68
N GLY C 102 8.24 -15.53 -2.38
CA GLY C 102 7.06 -16.23 -1.84
C GLY C 102 7.28 -17.72 -1.60
N LEU C 103 7.85 -18.42 -2.56
CA LEU C 103 7.95 -19.90 -2.47
C LEU C 103 8.98 -20.29 -1.41
N ASP C 104 9.02 -21.58 -1.08
CA ASP C 104 10.01 -22.17 -0.15
C ASP C 104 11.22 -22.61 -0.96
N TYR C 105 12.42 -22.26 -0.50
CA TYR C 105 13.74 -22.62 -1.07
C TYR C 105 14.78 -22.56 0.05
N GLU C 106 15.73 -23.49 0.04
CA GLU C 106 16.96 -23.43 0.89
C GLU C 106 17.93 -22.39 0.33
N VAL C 107 18.95 -22.00 1.11
CA VAL C 107 19.94 -20.95 0.70
C VAL C 107 20.67 -21.43 -0.55
N SER C 108 20.77 -22.75 -0.74
CA SER C 108 21.42 -23.38 -1.91
C SER C 108 20.64 -23.07 -3.20
N SER C 109 19.48 -22.41 -3.10
CA SER C 109 18.66 -21.92 -4.25
C SER C 109 18.30 -20.44 -4.10
N ASP C 110 19.00 -19.70 -3.23
CA ASP C 110 18.80 -18.25 -3.00
C ASP C 110 19.14 -17.49 -4.29
N GLY C 111 20.14 -17.97 -5.03
CA GLY C 111 20.61 -17.35 -6.28
C GLY C 111 21.30 -16.03 -6.00
N THR C 112 22.00 -15.96 -4.87
CA THR C 112 22.73 -14.76 -4.40
C THR C 112 24.24 -15.01 -4.34
N THR C 113 24.99 -13.91 -4.41
CA THR C 113 26.44 -13.83 -4.13
C THR C 113 26.66 -14.34 -2.69
N LEU C 114 25.95 -13.71 -1.75
CA LEU C 114 25.89 -14.10 -0.31
C LEU C 114 25.99 -15.63 -0.15
N ASN C 115 25.09 -16.40 -0.76
CA ASN C 115 24.95 -17.86 -0.49
C ASN C 115 25.59 -18.67 -1.61
N LYS C 116 26.28 -18.02 -2.55
CA LYS C 116 27.13 -18.67 -3.58
C LYS C 116 26.28 -19.64 -4.42
N SER C 117 25.07 -19.19 -4.76
CA SER C 117 24.03 -20.02 -5.43
C SER C 117 23.63 -19.39 -6.77
N ASP C 118 24.43 -18.41 -7.25
CA ASP C 118 24.33 -17.86 -8.64
C ASP C 118 25.05 -18.84 -9.57
N VAL C 119 25.21 -18.48 -10.84
CA VAL C 119 25.66 -19.44 -11.90
C VAL C 119 26.73 -18.78 -12.80
N GLU C 120 27.88 -19.45 -12.94
CA GLU C 120 29.02 -19.03 -13.81
C GLU C 120 28.52 -18.95 -15.25
N PRO C 121 29.14 -18.09 -16.09
CA PRO C 121 28.84 -18.04 -17.52
C PRO C 121 28.90 -19.43 -18.16
N GLY C 122 27.84 -19.86 -18.84
CA GLY C 122 27.74 -21.19 -19.48
C GLY C 122 27.52 -22.31 -18.49
N GLY C 123 27.38 -21.99 -17.19
CA GLY C 123 27.12 -22.97 -16.11
C GLY C 123 25.66 -23.43 -16.04
N THR C 124 25.44 -24.62 -15.47
CA THR C 124 24.10 -25.18 -15.16
C THR C 124 24.00 -25.43 -13.65
N ARG C 125 22.83 -25.14 -13.08
CA ARG C 125 22.51 -25.41 -11.66
C ARG C 125 21.04 -25.78 -11.56
N THR C 126 20.75 -26.81 -10.77
CA THR C 126 19.37 -27.23 -10.41
C THR C 126 18.92 -26.46 -9.18
N TYR C 127 18.02 -25.50 -9.38
CA TYR C 127 17.27 -24.81 -8.30
C TYR C 127 16.08 -25.68 -7.93
N THR C 128 15.74 -25.72 -6.65
CA THR C 128 14.53 -26.41 -6.14
C THR C 128 13.67 -25.35 -5.45
N TRP C 129 12.44 -25.17 -5.92
CA TRP C 129 11.36 -24.45 -5.20
C TRP C 129 10.41 -25.47 -4.61
N ARG C 130 10.05 -25.28 -3.34
CA ARG C 130 9.05 -26.10 -2.61
C ARG C 130 7.87 -25.18 -2.23
N THR C 131 6.70 -25.77 -1.98
CA THR C 131 5.43 -25.08 -1.61
C THR C 131 4.66 -25.90 -0.57
N HIS C 132 4.09 -25.23 0.42
CA HIS C 132 3.36 -25.87 1.54
C HIS C 132 1.91 -25.38 1.53
N ALA C 133 0.97 -26.24 1.96
CA ALA C 133 -0.45 -25.90 2.22
C ALA C 133 -0.51 -25.23 3.58
N PRO C 134 -1.55 -24.42 3.90
CA PRO C 134 -1.61 -23.81 5.22
C PRO C 134 -1.95 -24.93 6.22
N GLY C 135 -1.65 -24.74 7.50
CA GLY C 135 -1.90 -25.76 8.52
C GLY C 135 -1.78 -25.19 9.92
N ARG C 136 -2.51 -25.79 10.87
CA ARG C 136 -2.43 -25.48 12.32
C ARG C 136 -1.08 -25.96 12.85
N ARG C 137 -0.30 -25.03 13.40
CA ARG C 137 1.01 -25.32 14.04
C ARG C 137 0.77 -25.84 15.47
N SER C 138 1.77 -26.55 16.01
CA SER C 138 1.85 -27.01 17.41
C SER C 138 1.82 -25.82 18.39
N ASP C 139 2.03 -24.58 17.96
CA ASP C 139 1.89 -23.42 18.87
C ASP C 139 0.48 -22.83 18.78
N GLY C 140 -0.42 -23.51 18.04
CA GLY C 140 -1.83 -23.13 17.89
C GLY C 140 -2.07 -22.04 16.85
N THR C 141 -1.02 -21.40 16.32
CA THR C 141 -1.12 -20.39 15.23
C THR C 141 -1.35 -21.10 13.90
N TRP C 142 -1.74 -20.31 12.89
CA TRP C 142 -2.06 -20.77 11.51
C TRP C 142 -0.88 -20.46 10.58
N ARG C 143 -0.25 -21.51 10.07
CA ARG C 143 0.86 -21.38 9.10
C ARG C 143 0.28 -20.96 7.75
N ALA C 144 0.61 -19.75 7.29
CA ALA C 144 0.18 -19.21 5.97
C ALA C 144 0.72 -20.09 4.85
N GLY C 145 -0.10 -20.39 3.85
CA GLY C 145 0.29 -21.26 2.72
C GLY C 145 1.20 -20.51 1.76
N SER C 146 1.75 -21.22 0.76
CA SER C 146 2.65 -20.67 -0.29
C SER C 146 1.81 -19.93 -1.35
N ALA C 147 0.49 -20.14 -1.36
CA ALA C 147 -0.41 -19.69 -2.44
C ALA C 147 -0.42 -18.16 -2.58
N GLY C 148 -0.45 -17.66 -3.82
CA GLY C 148 -0.52 -16.22 -4.13
C GLY C 148 0.11 -15.88 -5.48
N TYR C 149 0.25 -14.59 -5.74
CA TYR C 149 0.84 -13.99 -6.98
C TYR C 149 2.29 -13.59 -6.70
N TRP C 150 3.22 -14.37 -7.26
CA TRP C 150 4.66 -14.31 -6.93
C TRP C 150 5.48 -14.12 -8.22
N HIS C 151 6.80 -14.00 -8.10
CA HIS C 151 7.70 -13.75 -9.25
C HIS C 151 9.10 -14.26 -8.97
N TYR C 152 9.88 -14.32 -10.04
CA TYR C 152 11.29 -14.76 -10.08
C TYR C 152 12.07 -13.76 -10.93
N HIS C 153 13.28 -13.42 -10.49
CA HIS C 153 14.17 -12.45 -11.15
C HIS C 153 15.64 -12.79 -10.85
N ASP C 154 16.54 -12.39 -11.73
CA ASP C 154 18.00 -12.54 -11.51
C ASP C 154 18.43 -11.60 -10.37
N HIS C 155 19.46 -12.02 -9.61
CA HIS C 155 19.95 -11.32 -8.38
C HIS C 155 21.42 -10.89 -8.49
N VAL C 156 22.12 -11.11 -9.62
CA VAL C 156 23.61 -10.93 -9.71
C VAL C 156 24.08 -10.24 -11.02
N VAL C 157 23.20 -9.90 -11.95
CA VAL C 157 23.65 -9.18 -13.18
C VAL C 157 23.69 -7.69 -12.85
N GLY C 158 24.85 -7.05 -13.06
CA GLY C 158 25.04 -5.60 -12.86
C GLY C 158 25.42 -5.28 -11.43
N THR C 159 24.56 -5.65 -10.47
CA THR C 159 24.84 -5.55 -9.01
C THR C 159 24.44 -6.87 -8.34
N GLU C 160 24.80 -7.01 -7.05
CA GLU C 160 24.52 -8.21 -6.21
C GLU C 160 23.02 -8.27 -5.87
N HIS C 161 22.24 -7.32 -6.42
CA HIS C 161 20.76 -7.21 -6.29
C HIS C 161 20.08 -7.35 -7.66
N GLY C 162 20.81 -7.77 -8.69
CA GLY C 162 20.28 -8.07 -10.04
C GLY C 162 19.72 -6.84 -10.75
N THR C 163 20.10 -5.64 -10.31
CA THR C 163 19.63 -4.35 -10.91
C THR C 163 19.69 -4.41 -12.45
N GLY C 164 20.84 -4.81 -13.00
CA GLY C 164 21.07 -4.89 -14.45
C GLY C 164 20.24 -5.98 -15.06
N GLY C 165 20.13 -7.13 -14.41
CA GLY C 165 19.37 -8.28 -14.93
C GLY C 165 17.89 -7.98 -15.00
N ILE C 166 17.37 -7.38 -13.94
CA ILE C 166 15.96 -6.92 -13.87
C ILE C 166 15.73 -5.94 -15.03
N ARG C 167 16.51 -4.86 -15.11
CA ARG C 167 16.37 -3.80 -16.13
C ARG C 167 16.29 -4.40 -17.54
N LYS C 168 17.08 -5.44 -17.79
CA LYS C 168 17.28 -5.99 -19.14
C LYS C 168 16.26 -7.10 -19.44
N GLY C 169 15.43 -7.51 -18.47
CA GLY C 169 14.25 -8.37 -18.72
C GLY C 169 14.26 -9.71 -17.97
N LEU C 170 15.21 -9.96 -17.09
CA LEU C 170 15.30 -11.24 -16.33
C LEU C 170 14.28 -11.25 -15.18
N TYR C 171 13.00 -11.37 -15.53
CA TYR C 171 11.86 -11.47 -14.58
C TYR C 171 10.73 -12.28 -15.25
N GLY C 172 9.98 -13.03 -14.45
CA GLY C 172 8.80 -13.76 -14.92
C GLY C 172 7.82 -14.00 -13.78
N PRO C 173 6.54 -14.32 -14.07
CA PRO C 173 5.53 -14.50 -13.03
C PRO C 173 5.50 -15.94 -12.49
N VAL C 174 5.16 -16.09 -11.22
CA VAL C 174 4.84 -17.39 -10.58
C VAL C 174 3.49 -17.29 -9.88
N ILE C 175 2.63 -18.25 -10.17
CA ILE C 175 1.33 -18.46 -9.47
C ILE C 175 1.38 -19.80 -8.76
N VAL C 176 1.09 -19.77 -7.45
CA VAL C 176 0.82 -20.95 -6.59
C VAL C 176 -0.67 -20.92 -6.24
N ARG C 177 -1.37 -21.97 -6.67
CA ARG C 177 -2.83 -22.20 -6.46
C ARG C 177 -3.06 -22.97 -5.17
N ARG C 178 -4.06 -22.56 -4.39
CA ARG C 178 -4.64 -23.38 -3.29
C ARG C 178 -5.66 -24.34 -3.91
N LYS C 179 -5.81 -25.52 -3.29
CA LYS C 179 -6.86 -26.53 -3.59
C LYS C 179 -8.23 -25.83 -3.60
N GLY C 180 -8.94 -25.90 -4.73
CA GLY C 180 -10.29 -25.32 -4.90
C GLY C 180 -10.27 -23.85 -5.31
N ASP C 181 -9.09 -23.27 -5.54
CA ASP C 181 -8.98 -21.96 -6.21
C ASP C 181 -9.65 -22.10 -7.58
N VAL C 182 -10.50 -21.13 -7.96
CA VAL C 182 -11.16 -21.11 -9.28
C VAL C 182 -10.12 -20.71 -10.34
N LEU C 183 -10.03 -21.52 -11.40
CA LEU C 183 -9.04 -21.39 -12.50
C LEU C 183 -9.61 -20.52 -13.62
N PRO C 184 -8.80 -19.64 -14.23
CA PRO C 184 -9.32 -18.69 -15.21
C PRO C 184 -9.44 -19.28 -16.62
N ASP C 185 -10.01 -18.53 -17.56
CA ASP C 185 -10.06 -18.91 -19.00
C ASP C 185 -8.72 -18.57 -19.65
N ALA C 186 -8.06 -17.50 -19.19
CA ALA C 186 -6.71 -17.07 -19.62
C ALA C 186 -6.03 -16.27 -18.49
N THR C 187 -4.69 -16.21 -18.51
CA THR C 187 -3.82 -15.47 -17.56
C THR C 187 -2.95 -14.46 -18.32
N HIS C 188 -2.94 -13.18 -17.94
CA HIS C 188 -2.13 -12.12 -18.61
C HIS C 188 -1.20 -11.45 -17.60
N THR C 189 0.08 -11.28 -17.96
CA THR C 189 1.16 -10.77 -17.06
C THR C 189 1.53 -9.34 -17.47
N ILE C 190 1.35 -8.38 -16.56
CA ILE C 190 1.72 -6.96 -16.81
C ILE C 190 2.81 -6.58 -15.81
N VAL C 191 4.04 -6.36 -16.29
CA VAL C 191 5.19 -5.98 -15.41
C VAL C 191 5.51 -4.51 -15.65
N PHE C 192 5.42 -3.69 -14.61
CA PHE C 192 5.89 -2.28 -14.62
C PHE C 192 7.38 -2.28 -14.26
N ASN C 193 8.25 -2.36 -15.27
CA ASN C 193 9.73 -2.38 -15.06
C ASN C 193 10.28 -0.98 -15.36
N ASP C 194 10.67 -0.25 -14.33
CA ASP C 194 11.07 1.18 -14.43
C ASP C 194 9.94 1.96 -15.13
N MET C 195 10.12 2.42 -16.37
CA MET C 195 9.14 3.33 -17.00
C MET C 195 8.40 2.63 -18.15
N LEU C 196 8.59 1.31 -18.31
CA LEU C 196 8.10 0.52 -19.47
C LEU C 196 7.14 -0.57 -19.00
N ILE C 197 6.59 -1.35 -19.93
CA ILE C 197 5.76 -2.54 -19.62
C ILE C 197 6.35 -3.73 -20.37
N ASN C 198 6.85 -4.72 -19.64
CA ASN C 198 7.39 -5.98 -20.23
C ASN C 198 8.55 -5.64 -21.19
N ASN C 199 9.33 -4.60 -20.85
CA ASN C 199 10.56 -4.13 -21.56
C ASN C 199 10.24 -3.85 -23.03
N ARG C 200 9.01 -3.43 -23.29
CA ARG C 200 8.57 -2.99 -24.63
C ARG C 200 8.92 -1.51 -24.77
N PRO C 201 9.08 -1.02 -26.01
CA PRO C 201 9.22 0.42 -26.26
C PRO C 201 7.95 1.17 -25.84
N ALA C 202 8.07 2.34 -25.22
CA ALA C 202 6.94 3.08 -24.60
C ALA C 202 5.96 3.54 -25.67
N HIS C 203 4.70 3.76 -25.25
CA HIS C 203 3.49 4.10 -26.07
C HIS C 203 2.95 2.86 -26.80
N SER C 204 3.52 1.67 -26.56
CA SER C 204 3.15 0.40 -27.24
C SER C 204 3.04 -0.75 -26.21
N GLY C 205 2.49 -0.47 -25.02
CA GLY C 205 2.15 -1.49 -24.00
C GLY C 205 1.24 -2.58 -24.58
N PRO C 206 1.23 -3.81 -24.02
CA PRO C 206 0.54 -4.93 -24.64
C PRO C 206 -0.98 -4.89 -24.46
N ASN C 207 -1.71 -5.37 -25.48
CA ASN C 207 -3.18 -5.51 -25.49
C ASN C 207 -3.51 -6.96 -25.14
N PHE C 208 -4.64 -7.19 -24.46
CA PHE C 208 -5.13 -8.55 -24.14
C PHE C 208 -6.57 -8.69 -24.66
N GLU C 209 -6.86 -9.83 -25.27
CA GLU C 209 -8.16 -10.11 -25.93
C GLU C 209 -8.94 -11.10 -25.07
N ALA C 210 -10.19 -10.79 -24.79
CA ALA C 210 -11.13 -11.71 -24.14
C ALA C 210 -12.53 -11.43 -24.68
N THR C 211 -13.42 -12.39 -24.52
CA THR C 211 -14.86 -12.24 -24.78
C THR C 211 -15.58 -11.92 -23.46
N VAL C 212 -16.63 -11.11 -23.55
CA VAL C 212 -17.54 -10.81 -22.41
C VAL C 212 -17.90 -12.15 -21.73
N GLY C 213 -17.76 -12.20 -20.41
CA GLY C 213 -18.08 -13.41 -19.61
C GLY C 213 -16.87 -14.29 -19.33
N ASP C 214 -15.72 -14.03 -19.97
CA ASP C 214 -14.49 -14.82 -19.77
C ASP C 214 -13.95 -14.50 -18.37
N ARG C 215 -13.47 -15.53 -17.65
CA ARG C 215 -12.79 -15.37 -16.35
C ARG C 215 -11.32 -15.04 -16.64
N VAL C 216 -10.94 -13.77 -16.46
CA VAL C 216 -9.63 -13.26 -16.94
C VAL C 216 -8.78 -12.90 -15.74
N GLU C 217 -7.61 -13.55 -15.66
CA GLU C 217 -6.61 -13.41 -14.57
C GLU C 217 -5.49 -12.48 -15.03
N PHE C 218 -5.08 -11.59 -14.12
CA PHE C 218 -3.99 -10.61 -14.32
C PHE C 218 -2.96 -10.83 -13.22
N VAL C 219 -1.71 -11.09 -13.61
CA VAL C 219 -0.54 -11.03 -12.70
C VAL C 219 0.09 -9.64 -12.90
N MET C 220 0.38 -8.92 -11.82
CA MET C 220 0.79 -7.49 -11.90
C MET C 220 2.03 -7.29 -11.03
N ILE C 221 3.20 -7.27 -11.68
CA ILE C 221 4.51 -7.24 -10.99
C ILE C 221 5.14 -5.87 -11.27
N THR C 222 5.95 -5.38 -10.35
CA THR C 222 6.65 -4.08 -10.47
C THR C 222 8.13 -4.33 -10.21
N HIS C 223 9.02 -3.65 -10.93
CA HIS C 223 10.49 -3.75 -10.77
C HIS C 223 11.13 -2.39 -10.99
N GLY C 224 12.34 -2.21 -10.46
CA GLY C 224 13.20 -1.06 -10.79
C GLY C 224 13.27 -0.07 -9.65
N GLU C 225 13.06 1.21 -9.97
CA GLU C 225 13.37 2.38 -9.11
C GLU C 225 12.10 3.13 -8.67
N TYR C 226 11.00 3.02 -9.42
CA TYR C 226 9.85 3.95 -9.26
C TYR C 226 8.66 3.20 -8.68
N TYR C 227 7.91 3.95 -7.86
CA TYR C 227 6.54 3.61 -7.43
C TYR C 227 5.61 3.92 -8.60
N HIS C 228 4.52 3.15 -8.70
CA HIS C 228 3.43 3.32 -9.69
C HIS C 228 2.07 3.15 -9.00
N THR C 229 1.01 3.49 -9.71
CA THR C 229 -0.36 3.05 -9.40
C THR C 229 -0.89 2.35 -10.66
N PHE C 230 -1.27 1.08 -10.53
CA PHE C 230 -1.90 0.27 -11.61
C PHE C 230 -3.42 0.44 -11.56
N HIS C 231 -4.04 0.84 -12.68
CA HIS C 231 -5.49 1.13 -12.82
C HIS C 231 -6.04 0.39 -14.02
N MET C 232 -7.32 0.00 -13.96
CA MET C 232 -8.05 -0.59 -15.09
C MET C 232 -9.44 0.05 -15.15
N HIS C 233 -9.80 0.60 -16.31
CA HIS C 233 -11.16 1.06 -16.69
C HIS C 233 -12.13 -0.13 -16.69
N GLY C 234 -13.33 0.08 -16.15
CA GLY C 234 -14.50 -0.82 -16.33
C GLY C 234 -14.46 -2.06 -15.46
N HIS C 235 -13.43 -2.25 -14.64
CA HIS C 235 -13.24 -3.45 -13.79
C HIS C 235 -12.67 -3.04 -12.43
N ARG C 236 -12.93 -3.91 -11.43
CA ARG C 236 -12.56 -3.79 -9.99
C ARG C 236 -12.11 -5.18 -9.51
N TRP C 237 -11.25 -5.21 -8.48
CA TRP C 237 -10.86 -6.46 -7.79
C TRP C 237 -10.81 -6.20 -6.27
N ALA C 238 -10.52 -7.25 -5.49
CA ALA C 238 -10.41 -7.17 -4.02
C ALA C 238 -8.93 -7.10 -3.61
N ASP C 239 -8.59 -6.18 -2.71
CA ASP C 239 -7.22 -6.09 -2.14
C ASP C 239 -7.00 -7.28 -1.18
N ASN C 240 -6.86 -8.49 -1.70
CA ASN C 240 -6.71 -9.71 -0.88
C ASN C 240 -5.93 -10.78 -1.65
N ARG C 241 -5.75 -11.96 -1.09
CA ARG C 241 -4.85 -12.95 -1.69
C ARG C 241 -5.24 -13.17 -3.16
N THR C 242 -6.50 -13.51 -3.45
CA THR C 242 -6.96 -13.98 -4.79
C THR C 242 -7.38 -12.80 -5.68
N GLY C 243 -7.46 -11.57 -5.14
CA GLY C 243 -8.09 -10.43 -5.85
C GLY C 243 -9.61 -10.57 -6.00
N MET C 244 -10.24 -11.53 -5.31
CA MET C 244 -11.70 -11.79 -5.32
C MET C 244 -12.18 -11.95 -3.87
N LEU C 245 -13.26 -11.24 -3.49
CA LEU C 245 -13.91 -11.40 -2.17
C LEU C 245 -14.36 -12.87 -2.04
N THR C 246 -14.22 -13.46 -0.86
CA THR C 246 -14.54 -14.88 -0.57
C THR C 246 -16.06 -15.05 -0.38
N GLY C 247 -16.73 -13.98 0.07
CA GLY C 247 -18.12 -13.98 0.56
C GLY C 247 -18.46 -12.64 1.21
N PRO C 248 -19.65 -12.50 1.85
CA PRO C 248 -20.03 -11.26 2.52
C PRO C 248 -19.21 -10.94 3.79
N ASP C 249 -18.53 -11.96 4.33
CA ASP C 249 -17.66 -11.90 5.54
C ASP C 249 -16.29 -11.29 5.20
N ASP C 250 -16.03 -10.96 3.93
CA ASP C 250 -14.71 -10.48 3.47
C ASP C 250 -14.71 -8.96 3.40
N PRO C 251 -14.05 -8.28 4.37
CA PRO C 251 -14.06 -6.82 4.45
C PRO C 251 -13.09 -6.12 3.48
N SER C 252 -12.26 -6.91 2.77
CA SER C 252 -11.22 -6.41 1.83
C SER C 252 -11.74 -5.19 1.08
N GLN C 253 -10.94 -4.11 0.98
CA GLN C 253 -11.29 -2.94 0.12
C GLN C 253 -11.43 -3.44 -1.32
N VAL C 254 -12.43 -2.91 -2.05
CA VAL C 254 -12.63 -3.15 -3.50
C VAL C 254 -12.06 -1.95 -4.26
N VAL C 255 -11.15 -2.22 -5.21
CA VAL C 255 -10.25 -1.20 -5.81
C VAL C 255 -10.19 -1.40 -7.32
N ASP C 256 -9.95 -0.29 -8.05
CA ASP C 256 -9.57 -0.30 -9.48
C ASP C 256 -8.20 0.38 -9.63
N ASN C 257 -7.56 0.79 -8.52
CA ASN C 257 -6.32 1.59 -8.48
C ASN C 257 -5.49 1.12 -7.27
N LYS C 258 -4.23 0.73 -7.49
CA LYS C 258 -3.37 0.09 -6.45
C LYS C 258 -1.91 0.56 -6.56
N ILE C 259 -1.43 1.27 -5.54
CA ILE C 259 -0.01 1.72 -5.48
C ILE C 259 0.90 0.48 -5.31
N VAL C 260 1.95 0.42 -6.14
CA VAL C 260 2.91 -0.71 -6.19
C VAL C 260 4.33 -0.14 -6.32
N GLY C 261 5.31 -0.89 -5.82
CA GLY C 261 6.73 -0.53 -5.76
C GLY C 261 7.58 -1.70 -6.20
N PRO C 262 8.89 -1.51 -6.44
CA PRO C 262 9.75 -2.60 -6.89
C PRO C 262 9.51 -3.89 -6.10
N ALA C 263 9.20 -4.93 -6.86
CA ALA C 263 9.13 -6.36 -6.43
C ALA C 263 7.80 -6.63 -5.72
N ASP C 264 6.87 -5.67 -5.73
CA ASP C 264 5.45 -5.93 -5.36
C ASP C 264 4.86 -6.85 -6.43
N SER C 265 4.14 -7.89 -6.00
CA SER C 265 3.35 -8.77 -6.89
C SER C 265 1.98 -8.94 -6.26
N PHE C 266 0.92 -8.65 -7.03
CA PHE C 266 -0.48 -9.01 -6.68
C PHE C 266 -1.14 -9.57 -7.94
N GLY C 267 -2.32 -10.16 -7.78
CA GLY C 267 -3.09 -10.67 -8.93
C GLY C 267 -4.56 -10.64 -8.66
N PHE C 268 -5.37 -10.85 -9.70
CA PHE C 268 -6.84 -10.82 -9.59
C PHE C 268 -7.46 -11.49 -10.81
N GLN C 269 -8.74 -11.83 -10.70
CA GLN C 269 -9.55 -12.36 -11.82
C GLN C 269 -10.80 -11.50 -11.91
N VAL C 270 -11.16 -11.08 -13.13
CA VAL C 270 -12.43 -10.38 -13.42
C VAL C 270 -13.23 -11.23 -14.40
N ILE C 271 -14.55 -11.11 -14.36
CA ILE C 271 -15.42 -11.49 -15.50
C ILE C 271 -15.38 -10.31 -16.48
N ALA C 272 -14.94 -10.59 -17.71
CA ALA C 272 -14.70 -9.58 -18.75
C ALA C 272 -16.02 -8.88 -19.09
N GLY C 273 -16.08 -7.56 -18.95
CA GLY C 273 -17.26 -6.72 -19.30
C GLY C 273 -18.39 -6.83 -18.27
N GLU C 274 -18.16 -7.43 -17.11
CA GLU C 274 -19.24 -7.63 -16.10
C GLU C 274 -19.84 -6.26 -15.74
N GLY C 275 -21.12 -6.06 -16.07
CA GLY C 275 -21.93 -4.87 -15.71
C GLY C 275 -21.51 -3.63 -16.47
N VAL C 276 -20.70 -3.78 -17.52
CA VAL C 276 -20.09 -2.65 -18.28
C VAL C 276 -20.11 -2.93 -19.80
N GLY C 277 -20.11 -4.21 -20.18
CA GLY C 277 -20.28 -4.65 -21.58
C GLY C 277 -18.98 -4.67 -22.34
N ALA C 278 -19.01 -5.11 -23.61
CA ALA C 278 -17.84 -5.17 -24.51
C ALA C 278 -17.25 -3.77 -24.69
N GLY C 279 -16.02 -3.70 -25.19
CA GLY C 279 -15.29 -2.43 -25.34
C GLY C 279 -13.79 -2.60 -25.26
N ALA C 280 -13.09 -1.52 -25.58
CA ALA C 280 -11.63 -1.30 -25.44
C ALA C 280 -11.40 -0.68 -24.07
N TRP C 281 -10.95 -1.50 -23.12
CA TRP C 281 -10.89 -1.16 -21.67
C TRP C 281 -9.44 -0.88 -21.31
N MET C 282 -9.13 0.42 -21.22
CA MET C 282 -7.76 0.93 -20.96
C MET C 282 -7.31 0.39 -19.60
N TYR C 283 -6.08 -0.13 -19.54
CA TYR C 283 -5.32 -0.26 -18.28
C TYR C 283 -4.14 0.69 -18.43
N HIS C 284 -3.72 1.34 -17.35
CA HIS C 284 -2.61 2.33 -17.39
C HIS C 284 -2.08 2.58 -15.99
N CYS C 285 -0.77 2.77 -15.85
CA CYS C 285 -0.23 3.56 -14.71
C CYS C 285 -1.05 4.85 -14.63
N HIS C 286 -1.42 5.27 -13.42
CA HIS C 286 -2.22 6.49 -13.15
C HIS C 286 -1.34 7.64 -12.65
N VAL C 287 -0.04 7.40 -12.50
CA VAL C 287 0.99 8.48 -12.39
C VAL C 287 0.98 9.20 -13.74
N GLN C 288 0.69 10.50 -13.73
CA GLN C 288 0.13 11.19 -14.93
C GLN C 288 1.18 11.18 -16.03
N SER C 289 2.43 11.51 -15.71
CA SER C 289 3.54 11.56 -16.70
C SER C 289 3.85 10.15 -17.21
N HIS C 290 3.64 9.12 -16.39
CA HIS C 290 3.84 7.70 -16.79
C HIS C 290 2.83 7.35 -17.88
N SER C 291 1.55 7.66 -17.66
CA SER C 291 0.46 7.42 -18.64
C SER C 291 0.73 8.26 -19.90
N ASP C 292 1.10 9.52 -19.72
CA ASP C 292 1.40 10.46 -20.84
C ASP C 292 2.52 9.88 -21.71
N MET C 293 3.62 9.41 -21.11
CA MET C 293 4.81 8.89 -21.82
C MET C 293 4.52 7.50 -22.41
N GLY C 294 3.30 6.99 -22.18
CA GLY C 294 2.72 5.88 -22.96
C GLY C 294 2.56 4.58 -22.19
N VAL C 295 2.62 4.60 -20.85
CA VAL C 295 2.43 3.36 -20.05
C VAL C 295 0.91 3.05 -20.04
N VAL C 296 0.41 2.53 -21.17
CA VAL C 296 -1.04 2.26 -21.42
C VAL C 296 -1.12 0.98 -22.27
N GLY C 297 -2.20 0.22 -22.09
CA GLY C 297 -2.53 -0.94 -22.92
C GLY C 297 -4.03 -1.11 -22.94
N LEU C 298 -4.56 -2.07 -23.71
CA LEU C 298 -6.02 -2.27 -23.84
C LEU C 298 -6.39 -3.71 -23.46
N PHE C 299 -7.31 -3.83 -22.51
CA PHE C 299 -8.15 -5.04 -22.33
C PHE C 299 -9.26 -4.90 -23.37
N LEU C 300 -9.11 -5.64 -24.46
CA LEU C 300 -10.05 -5.64 -25.61
C LEU C 300 -11.08 -6.74 -25.35
N VAL C 301 -12.21 -6.34 -24.77
CA VAL C 301 -13.31 -7.27 -24.40
C VAL C 301 -14.30 -7.26 -25.56
N LYS C 302 -14.49 -8.42 -26.18
CA LYS C 302 -15.30 -8.59 -27.42
C LYS C 302 -16.71 -9.04 -27.02
N LYS C 303 -17.71 -8.58 -27.77
CA LYS C 303 -19.09 -9.15 -27.72
C LYS C 303 -18.98 -10.62 -28.11
N THR C 304 -20.07 -11.36 -27.94
CA THR C 304 -20.12 -12.82 -28.21
C THR C 304 -19.95 -13.05 -29.73
N ASP C 305 -20.47 -12.17 -30.60
CA ASP C 305 -20.43 -12.32 -32.10
C ASP C 305 -19.00 -12.10 -32.63
N GLY C 306 -18.15 -11.42 -31.85
CA GLY C 306 -16.72 -11.22 -32.11
C GLY C 306 -16.34 -9.75 -32.14
N THR C 307 -17.33 -8.84 -32.10
CA THR C 307 -17.15 -7.39 -32.42
C THR C 307 -16.73 -6.62 -31.18
N ILE C 308 -16.28 -5.38 -31.39
CA ILE C 308 -15.94 -4.43 -30.30
C ILE C 308 -16.59 -3.09 -30.67
N PRO C 309 -17.57 -2.62 -29.86
CA PRO C 309 -18.23 -1.35 -30.11
C PRO C 309 -17.16 -0.26 -30.14
N GLY C 310 -17.10 0.49 -31.26
CA GLY C 310 -16.25 1.68 -31.41
C GLY C 310 -14.84 1.34 -31.84
N TYR C 311 -14.65 0.31 -32.68
CA TYR C 311 -13.33 -0.11 -33.23
C TYR C 311 -13.32 -0.05 -34.75
S SO4 D . -10.69 -18.17 11.41
O1 SO4 D . -11.27 -19.20 12.25
O2 SO4 D . -10.09 -18.76 10.24
O3 SO4 D . -11.74 -17.27 11.00
O4 SO4 D . -9.71 -17.44 12.15
CU CU E . 34.10 -15.93 3.48
CU CU F . 16.87 -10.18 -2.75
CU CU G . 14.44 2.05 0.08
CU CU H . 3.89 11.47 13.12
S SO4 I . -19.52 -5.33 4.74
O1 SO4 I . -20.88 -5.68 4.41
O2 SO4 I . -18.65 -5.64 3.64
O3 SO4 I . -19.42 -3.92 5.04
O4 SO4 I . -19.10 -6.09 5.90
CU CU J . -8.55 7.61 -13.61
CU CU K . 2.33 14.86 13.08
CU CU L . 2.54 14.60 0.24
S SO4 M . 31.49 -21.07 -9.65
O1 SO4 M . 32.10 -21.60 -8.46
O2 SO4 M . 31.54 -22.06 -10.70
O3 SO4 M . 32.19 -19.88 -10.06
O4 SO4 M . 30.10 -20.75 -9.37
S SO4 N . -8.95 -19.86 1.30
O1 SO4 N . -9.16 -21.06 0.55
O2 SO4 N . -7.58 -19.80 1.72
O3 SO4 N . -9.80 -19.88 2.47
O4 SO4 N . -9.25 -18.70 0.50
CU CU O . 13.67 -10.08 -5.11
CU CU P . 4.14 4.21 -13.54
CU CU Q . -7.98 6.31 -17.19
#